data_7LP4
#
_entry.id   7LP4
#
_entity_poly.entity_id   1
_entity_poly.type   'polypeptide(L)'
_entity_poly.pdbx_seq_one_letter_code
;KVTQSFLPPGWEMRIAPNGRPFFIDHNTKTTTWEDPRLKFPVHMRSK
;
_entity_poly.pdbx_strand_id   A
#
# COMPACT_ATOMS: atom_id res chain seq x y z
N LYS A 1 -2.89 12.09 -9.95
CA LYS A 1 -4.15 11.79 -9.27
C LYS A 1 -4.03 11.98 -7.79
N VAL A 2 -5.13 11.83 -7.08
CA VAL A 2 -5.11 11.92 -5.66
C VAL A 2 -4.77 10.55 -5.08
N THR A 3 -3.50 10.27 -5.12
CA THR A 3 -2.92 9.07 -4.61
C THR A 3 -1.49 9.45 -4.27
N GLN A 4 -1.26 9.75 -3.02
CA GLN A 4 0.00 10.28 -2.61
C GLN A 4 0.86 9.21 -1.97
N SER A 5 2.14 9.33 -2.12
CA SER A 5 3.06 8.39 -1.56
C SER A 5 3.36 8.72 -0.10
N PHE A 6 3.11 7.78 0.76
CA PHE A 6 3.36 7.93 2.17
C PHE A 6 4.09 6.71 2.65
N LEU A 7 4.84 6.84 3.69
CA LEU A 7 5.56 5.73 4.24
C LEU A 7 5.06 5.45 5.66
N PRO A 8 4.13 4.50 5.81
CA PRO A 8 3.58 4.13 7.10
C PRO A 8 4.47 3.08 7.83
N PRO A 9 4.30 2.92 9.16
CA PRO A 9 5.14 2.02 9.97
C PRO A 9 4.98 0.54 9.62
N GLY A 10 6.04 -0.06 9.15
CA GLY A 10 6.04 -1.43 8.79
C GLY A 10 6.02 -1.63 7.30
N TRP A 11 5.47 -0.68 6.60
CA TRP A 11 5.43 -0.73 5.17
C TRP A 11 6.73 -0.27 4.57
N GLU A 12 7.02 -0.79 3.43
CA GLU A 12 8.19 -0.45 2.69
C GLU A 12 7.76 -0.21 1.26
N MET A 13 8.13 0.93 0.73
CA MET A 13 7.74 1.32 -0.60
C MET A 13 8.84 1.03 -1.59
N ARG A 14 8.57 0.16 -2.51
CA ARG A 14 9.54 -0.19 -3.54
C ARG A 14 8.86 -0.11 -4.90
N ILE A 15 9.60 -0.39 -5.96
CA ILE A 15 9.08 -0.29 -7.31
C ILE A 15 9.08 -1.66 -7.95
N ALA A 16 7.97 -2.05 -8.50
CA ALA A 16 7.87 -3.29 -9.22
C ALA A 16 8.35 -3.05 -10.64
N PRO A 17 9.00 -4.05 -11.27
CA PRO A 17 9.50 -3.95 -12.66
C PRO A 17 8.44 -3.50 -13.67
N ASN A 18 7.17 -3.67 -13.33
CA ASN A 18 6.06 -3.24 -14.19
C ASN A 18 5.88 -1.70 -14.18
N GLY A 19 6.62 -1.03 -13.30
CA GLY A 19 6.59 0.41 -13.25
C GLY A 19 5.65 0.95 -12.19
N ARG A 20 5.17 0.10 -11.33
CA ARG A 20 4.27 0.52 -10.27
C ARG A 20 4.96 0.39 -8.94
N PRO A 21 4.81 1.36 -8.06
CA PRO A 21 5.33 1.24 -6.74
C PRO A 21 4.43 0.34 -5.90
N PHE A 22 5.01 -0.42 -5.04
CA PHE A 22 4.26 -1.34 -4.24
C PHE A 22 4.63 -1.15 -2.80
N PHE A 23 3.72 -1.47 -1.93
CA PHE A 23 3.97 -1.37 -0.54
C PHE A 23 3.92 -2.74 0.08
N ILE A 24 4.94 -3.07 0.78
CA ILE A 24 5.02 -4.33 1.48
C ILE A 24 5.05 -4.09 2.97
N ASP A 25 4.06 -4.60 3.67
CA ASP A 25 3.99 -4.43 5.08
C ASP A 25 4.68 -5.55 5.75
N HIS A 26 5.68 -5.22 6.50
CA HIS A 26 6.45 -6.22 7.17
C HIS A 26 5.76 -6.71 8.42
N ASN A 27 4.66 -6.05 8.81
CA ASN A 27 3.91 -6.47 9.97
C ASN A 27 3.03 -7.65 9.62
N THR A 28 2.13 -7.42 8.70
CA THR A 28 1.14 -8.41 8.32
C THR A 28 1.57 -9.24 7.10
N LYS A 29 2.77 -8.94 6.59
CA LYS A 29 3.40 -9.69 5.46
C LYS A 29 2.63 -9.46 4.14
N THR A 30 1.97 -8.33 4.01
CA THR A 30 1.13 -8.09 2.84
C THR A 30 1.90 -7.28 1.80
N THR A 31 1.55 -7.42 0.55
CA THR A 31 2.19 -6.70 -0.52
C THR A 31 1.18 -6.35 -1.60
N THR A 32 0.91 -5.08 -1.76
CA THR A 32 0.00 -4.64 -2.80
C THR A 32 0.33 -3.18 -3.15
N TRP A 33 -0.27 -2.69 -4.19
CA TRP A 33 -0.14 -1.32 -4.59
C TRP A 33 -1.15 -0.53 -3.82
N GLU A 34 -0.95 0.75 -3.67
CA GLU A 34 -1.88 1.54 -2.94
C GLU A 34 -3.04 1.91 -3.83
N ASP A 35 -4.10 1.16 -3.71
CA ASP A 35 -5.33 1.43 -4.41
C ASP A 35 -6.05 2.56 -3.65
N PRO A 36 -6.88 3.35 -4.33
CA PRO A 36 -7.60 4.46 -3.72
C PRO A 36 -8.59 3.97 -2.66
N ARG A 37 -9.31 2.92 -2.99
CA ARG A 37 -10.39 2.46 -2.13
C ARG A 37 -9.83 1.56 -1.05
N LEU A 38 -8.69 0.91 -1.35
CA LEU A 38 -7.99 0.04 -0.41
C LEU A 38 -7.59 0.84 0.84
N LYS A 39 -7.31 2.13 0.67
CA LYS A 39 -6.92 2.99 1.78
C LYS A 39 -8.07 3.19 2.77
N PHE A 40 -9.28 3.05 2.28
CA PHE A 40 -10.46 3.16 3.11
C PHE A 40 -10.90 1.77 3.50
N PRO A 41 -11.65 1.61 4.59
CA PRO A 41 -12.14 0.31 4.96
C PRO A 41 -13.23 -0.17 3.98
N VAL A 42 -12.99 -1.31 3.37
CA VAL A 42 -13.95 -1.88 2.46
C VAL A 42 -14.48 -3.18 3.03
N HIS A 43 -13.60 -4.09 3.36
CA HIS A 43 -14.04 -5.36 3.92
C HIS A 43 -14.67 -5.18 5.29
N MET A 44 -14.16 -4.26 6.09
CA MET A 44 -14.72 -4.03 7.39
C MET A 44 -15.80 -2.95 7.32
N ARG A 45 -16.87 -3.30 6.62
CA ARG A 45 -18.09 -2.49 6.45
C ARG A 45 -18.99 -3.18 5.43
N SER A 46 -18.36 -3.92 4.53
CA SER A 46 -19.08 -4.69 3.56
C SER A 46 -19.33 -6.06 4.14
N LYS A 47 -20.45 -6.20 4.77
CA LYS A 47 -20.86 -7.44 5.40
C LYS A 47 -22.27 -7.74 4.97
N LYS A 1 -4.04 18.72 -6.95
CA LYS A 1 -3.52 17.54 -6.28
C LYS A 1 -2.21 17.86 -5.64
N VAL A 2 -1.82 17.03 -4.73
CA VAL A 2 -0.54 17.09 -4.11
C VAL A 2 0.00 15.67 -4.11
N THR A 3 1.23 15.50 -4.50
CA THR A 3 1.78 14.18 -4.52
C THR A 3 2.36 13.84 -3.14
N GLN A 4 1.59 13.11 -2.38
CA GLN A 4 1.95 12.75 -1.05
C GLN A 4 2.69 11.42 -1.00
N SER A 5 3.97 11.48 -0.91
CA SER A 5 4.75 10.31 -0.78
C SER A 5 4.93 10.04 0.69
N PHE A 6 4.22 9.10 1.19
CA PHE A 6 4.24 8.79 2.59
C PHE A 6 4.60 7.35 2.79
N LEU A 7 5.22 7.08 3.89
CA LEU A 7 5.62 5.77 4.24
C LEU A 7 4.99 5.44 5.58
N PRO A 8 3.94 4.62 5.60
CA PRO A 8 3.28 4.21 6.81
C PRO A 8 4.07 3.11 7.55
N PRO A 9 4.05 3.13 8.90
CA PRO A 9 4.85 2.20 9.72
C PRO A 9 4.57 0.73 9.41
N GLY A 10 5.60 0.06 8.95
CA GLY A 10 5.50 -1.32 8.63
C GLY A 10 5.59 -1.59 7.16
N TRP A 11 5.19 -0.63 6.36
CA TRP A 11 5.22 -0.79 4.93
C TRP A 11 6.55 -0.37 4.33
N GLU A 12 6.79 -0.87 3.16
CA GLU A 12 7.96 -0.54 2.40
C GLU A 12 7.51 -0.29 0.98
N MET A 13 7.69 0.92 0.52
CA MET A 13 7.30 1.28 -0.83
C MET A 13 8.43 1.00 -1.78
N ARG A 14 8.25 0.03 -2.62
CA ARG A 14 9.24 -0.34 -3.59
C ARG A 14 8.65 -0.17 -4.97
N ILE A 15 9.44 -0.38 -5.99
CA ILE A 15 8.97 -0.23 -7.35
C ILE A 15 9.03 -1.59 -8.02
N ALA A 16 7.92 -2.01 -8.57
CA ALA A 16 7.84 -3.27 -9.26
C ALA A 16 8.47 -3.09 -10.64
N PRO A 17 8.99 -4.17 -11.24
CA PRO A 17 9.61 -4.13 -12.59
C PRO A 17 8.68 -3.49 -13.63
N ASN A 18 7.38 -3.62 -13.43
CA ASN A 18 6.38 -3.04 -14.34
C ASN A 18 6.40 -1.49 -14.30
N GLY A 19 6.97 -0.93 -13.25
CA GLY A 19 7.06 0.52 -13.14
C GLY A 19 6.08 1.10 -12.14
N ARG A 20 5.39 0.25 -11.44
CA ARG A 20 4.42 0.68 -10.44
C ARG A 20 4.99 0.49 -9.07
N PRO A 21 4.71 1.39 -8.13
CA PRO A 21 5.15 1.21 -6.77
C PRO A 21 4.22 0.28 -6.00
N PHE A 22 4.80 -0.54 -5.17
CA PHE A 22 4.07 -1.49 -4.39
C PHE A 22 4.50 -1.38 -2.95
N PHE A 23 3.63 -1.74 -2.05
CA PHE A 23 3.93 -1.65 -0.66
C PHE A 23 3.93 -3.02 -0.03
N ILE A 24 5.00 -3.32 0.66
CA ILE A 24 5.12 -4.55 1.36
C ILE A 24 5.21 -4.29 2.87
N ASP A 25 4.20 -4.72 3.56
CA ASP A 25 4.12 -4.55 4.99
C ASP A 25 4.84 -5.67 5.68
N HIS A 26 5.77 -5.32 6.51
CA HIS A 26 6.57 -6.30 7.21
C HIS A 26 5.82 -6.85 8.42
N ASN A 27 4.83 -6.12 8.89
CA ASN A 27 4.12 -6.47 10.11
C ASN A 27 3.21 -7.65 9.89
N THR A 28 2.41 -7.57 8.87
CA THR A 28 1.47 -8.62 8.57
C THR A 28 1.93 -9.41 7.36
N LYS A 29 2.99 -8.92 6.73
CA LYS A 29 3.54 -9.48 5.51
C LYS A 29 2.52 -9.55 4.39
N THR A 30 2.06 -8.39 3.99
CA THR A 30 1.15 -8.26 2.89
C THR A 30 1.82 -7.42 1.81
N THR A 31 1.45 -7.61 0.56
CA THR A 31 2.07 -6.92 -0.52
C THR A 31 1.05 -6.52 -1.58
N THR A 32 0.77 -5.25 -1.69
CA THR A 32 -0.12 -4.76 -2.71
C THR A 32 0.19 -3.27 -2.92
N TRP A 33 -0.39 -2.68 -3.93
CA TRP A 33 -0.24 -1.29 -4.21
C TRP A 33 -1.11 -0.51 -3.24
N GLU A 34 -0.87 0.79 -3.12
CA GLU A 34 -1.65 1.60 -2.22
C GLU A 34 -3.00 1.93 -2.82
N ASP A 35 -3.99 1.20 -2.43
CA ASP A 35 -5.34 1.45 -2.83
C ASP A 35 -5.94 2.37 -1.80
N PRO A 36 -6.86 3.26 -2.17
CA PRO A 36 -7.43 4.23 -1.24
C PRO A 36 -8.19 3.57 -0.11
N ARG A 37 -8.93 2.55 -0.45
CA ARG A 37 -9.79 1.89 0.50
C ARG A 37 -9.01 0.83 1.27
N LEU A 38 -7.94 0.35 0.67
CA LEU A 38 -7.06 -0.66 1.27
C LEU A 38 -6.28 -0.08 2.46
N LYS A 39 -6.26 1.24 2.56
CA LYS A 39 -5.56 1.92 3.65
C LYS A 39 -6.37 1.86 4.94
N PHE A 40 -7.60 1.41 4.81
CA PHE A 40 -8.52 1.24 5.90
C PHE A 40 -9.00 -0.20 5.91
N PRO A 41 -9.66 -0.67 6.99
CA PRO A 41 -10.23 -2.02 7.03
C PRO A 41 -11.13 -2.28 5.81
N VAL A 42 -10.81 -3.32 5.08
CA VAL A 42 -11.53 -3.65 3.85
C VAL A 42 -12.67 -4.63 4.14
N HIS A 43 -12.43 -5.55 5.07
CA HIS A 43 -13.43 -6.56 5.42
C HIS A 43 -14.61 -5.92 6.16
N MET A 44 -14.38 -4.72 6.65
CA MET A 44 -15.40 -3.93 7.29
C MET A 44 -15.10 -2.47 7.02
N ARG A 45 -15.72 -1.92 6.01
CA ARG A 45 -15.50 -0.54 5.69
C ARG A 45 -16.58 0.33 6.30
N SER A 46 -16.19 1.26 7.14
CA SER A 46 -17.10 2.10 7.83
C SER A 46 -16.33 3.20 8.54
N LYS A 47 -16.98 4.30 8.73
CA LYS A 47 -16.43 5.42 9.46
C LYS A 47 -17.07 5.42 10.84
N LYS A 1 -1.98 18.74 3.17
CA LYS A 1 -1.10 18.45 2.03
C LYS A 1 -1.10 16.95 1.70
N VAL A 2 -1.99 16.19 2.32
CA VAL A 2 -2.04 14.76 2.08
C VAL A 2 -2.70 14.44 0.75
N THR A 3 -1.90 14.46 -0.27
CA THR A 3 -2.29 14.11 -1.61
C THR A 3 -1.15 13.34 -2.26
N GLN A 4 -0.18 12.99 -1.45
CA GLN A 4 0.99 12.29 -1.89
C GLN A 4 1.12 11.02 -1.10
N SER A 5 1.86 10.09 -1.62
CA SER A 5 2.03 8.81 -0.98
C SER A 5 3.03 8.90 0.17
N PHE A 6 2.57 8.63 1.37
CA PHE A 6 3.44 8.55 2.52
C PHE A 6 3.77 7.08 2.76
N LEU A 7 4.60 6.83 3.72
CA LEU A 7 5.01 5.49 4.02
C LEU A 7 4.52 5.09 5.41
N PRO A 8 3.45 4.32 5.47
CA PRO A 8 2.88 3.88 6.74
C PRO A 8 3.81 2.90 7.47
N PRO A 9 3.80 2.94 8.82
CA PRO A 9 4.69 2.13 9.65
C PRO A 9 4.60 0.63 9.39
N GLY A 10 5.69 0.06 8.92
CA GLY A 10 5.74 -1.35 8.65
C GLY A 10 5.92 -1.64 7.19
N TRP A 11 5.45 -0.75 6.34
CA TRP A 11 5.53 -0.92 4.92
C TRP A 11 6.83 -0.41 4.36
N GLU A 12 7.29 -1.07 3.33
CA GLU A 12 8.43 -0.64 2.58
C GLU A 12 7.94 -0.26 1.21
N MET A 13 8.25 0.92 0.77
CA MET A 13 7.84 1.36 -0.54
C MET A 13 8.96 1.07 -1.53
N ARG A 14 8.69 0.17 -2.44
CA ARG A 14 9.66 -0.23 -3.44
C ARG A 14 8.98 -0.13 -4.81
N ILE A 15 9.69 -0.37 -5.89
CA ILE A 15 9.08 -0.27 -7.21
C ILE A 15 8.98 -1.65 -7.87
N ALA A 16 7.82 -1.95 -8.41
CA ALA A 16 7.59 -3.20 -9.09
C ALA A 16 7.94 -3.02 -10.57
N PRO A 17 8.46 -4.07 -11.22
CA PRO A 17 8.83 -4.04 -12.65
C PRO A 17 7.73 -3.51 -13.57
N ASN A 18 6.47 -3.65 -13.13
CA ASN A 18 5.33 -3.19 -13.91
C ASN A 18 5.29 -1.66 -14.06
N GLY A 19 6.05 -0.96 -13.24
CA GLY A 19 6.13 0.48 -13.35
C GLY A 19 5.38 1.20 -12.27
N ARG A 20 4.95 0.47 -11.26
CA ARG A 20 4.25 1.06 -10.14
C ARG A 20 4.91 0.66 -8.85
N PRO A 21 4.85 1.52 -7.84
CA PRO A 21 5.40 1.21 -6.53
C PRO A 21 4.56 0.18 -5.80
N PHE A 22 5.21 -0.59 -4.97
CA PHE A 22 4.52 -1.55 -4.18
C PHE A 22 4.94 -1.36 -2.75
N PHE A 23 4.05 -1.59 -1.87
CA PHE A 23 4.30 -1.45 -0.48
C PHE A 23 4.25 -2.81 0.16
N ILE A 24 5.27 -3.14 0.88
CA ILE A 24 5.34 -4.43 1.53
C ILE A 24 5.47 -4.27 3.05
N ASP A 25 4.45 -4.69 3.74
CA ASP A 25 4.42 -4.64 5.19
C ASP A 25 4.95 -5.89 5.78
N HIS A 26 6.01 -5.76 6.51
CA HIS A 26 6.63 -6.88 7.17
C HIS A 26 5.94 -7.22 8.48
N ASN A 27 4.99 -6.39 8.90
CA ASN A 27 4.30 -6.64 10.15
C ASN A 27 3.17 -7.65 9.98
N THR A 28 2.30 -7.41 9.04
CA THR A 28 1.17 -8.29 8.82
C THR A 28 1.37 -9.15 7.59
N LYS A 29 2.48 -8.89 6.89
CA LYS A 29 2.82 -9.57 5.66
C LYS A 29 1.82 -9.30 4.55
N THR A 30 1.73 -8.06 4.16
CA THR A 30 0.89 -7.70 3.05
C THR A 30 1.76 -7.00 2.00
N THR A 31 1.42 -7.16 0.76
CA THR A 31 2.21 -6.60 -0.30
C THR A 31 1.34 -6.27 -1.51
N THR A 32 1.19 -5.00 -1.80
CA THR A 32 0.44 -4.59 -2.96
C THR A 32 0.93 -3.20 -3.41
N TRP A 33 0.45 -2.78 -4.55
CA TRP A 33 0.71 -1.50 -5.12
C TRP A 33 -0.09 -0.44 -4.42
N GLU A 34 0.21 0.82 -4.72
CA GLU A 34 -0.46 2.00 -4.12
C GLU A 34 -1.99 1.77 -4.16
N ASP A 35 -2.51 1.38 -3.03
CA ASP A 35 -3.89 1.05 -2.91
C ASP A 35 -4.49 1.80 -1.72
N PRO A 36 -5.79 2.04 -1.73
CA PRO A 36 -6.48 2.70 -0.62
C PRO A 36 -6.47 1.83 0.63
N ARG A 37 -6.79 0.56 0.47
CA ARG A 37 -7.02 -0.29 1.62
C ARG A 37 -5.70 -0.83 2.14
N LEU A 38 -4.72 -0.84 1.27
CA LEU A 38 -3.38 -1.20 1.66
C LEU A 38 -2.78 -0.10 2.52
N LYS A 39 -3.07 1.14 2.15
CA LYS A 39 -2.46 2.28 2.77
C LYS A 39 -3.23 2.80 3.98
N PHE A 40 -4.54 2.79 3.90
CA PHE A 40 -5.32 3.13 5.08
C PHE A 40 -5.37 1.92 5.97
N PRO A 41 -5.36 2.12 7.30
CA PRO A 41 -5.37 1.02 8.25
C PRO A 41 -6.52 0.03 8.00
N VAL A 42 -6.15 -1.21 7.77
CA VAL A 42 -7.11 -2.26 7.44
C VAL A 42 -7.96 -2.66 8.66
N HIS A 43 -7.42 -2.48 9.85
CA HIS A 43 -8.14 -2.82 11.08
C HIS A 43 -9.00 -1.67 11.52
N MET A 44 -8.88 -0.57 10.84
CA MET A 44 -9.63 0.61 11.16
C MET A 44 -10.91 0.60 10.35
N ARG A 45 -12.00 0.30 11.00
CA ARG A 45 -13.27 0.24 10.32
C ARG A 45 -14.37 0.67 11.29
N SER A 46 -14.37 0.08 12.44
CA SER A 46 -15.36 0.34 13.44
C SER A 46 -15.04 1.58 14.27
N LYS A 47 -15.51 2.71 13.80
CA LYS A 47 -15.37 3.97 14.51
C LYS A 47 -16.73 4.37 15.04
N LYS A 1 -7.72 14.74 3.69
CA LYS A 1 -8.91 14.48 2.88
C LYS A 1 -8.65 13.32 1.92
N VAL A 2 -7.81 13.56 0.92
CA VAL A 2 -7.50 12.57 -0.07
C VAL A 2 -6.21 11.86 0.30
N THR A 3 -6.32 10.61 0.63
CA THR A 3 -5.17 9.83 1.00
C THR A 3 -4.35 9.48 -0.24
N GLN A 4 -3.20 10.09 -0.36
CA GLN A 4 -2.29 9.82 -1.45
C GLN A 4 -1.37 8.68 -1.03
N SER A 5 -0.34 8.40 -1.82
CA SER A 5 0.62 7.36 -1.46
C SER A 5 1.24 7.69 -0.07
N PHE A 6 1.03 6.81 0.87
CA PHE A 6 1.47 7.03 2.22
C PHE A 6 2.39 5.90 2.62
N LEU A 7 3.33 6.19 3.47
CA LEU A 7 4.27 5.20 3.89
C LEU A 7 4.26 5.05 5.41
N PRO A 8 3.49 4.08 5.92
CA PRO A 8 3.41 3.81 7.35
C PRO A 8 4.50 2.82 7.82
N PRO A 9 4.79 2.79 9.14
CA PRO A 9 5.79 1.89 9.73
C PRO A 9 5.49 0.42 9.45
N GLY A 10 6.45 -0.25 8.84
CA GLY A 10 6.33 -1.65 8.52
C GLY A 10 6.33 -1.89 7.05
N TRP A 11 5.86 -0.89 6.33
CA TRP A 11 5.80 -0.93 4.89
C TRP A 11 7.04 -0.36 4.25
N GLU A 12 7.48 -1.01 3.21
CA GLU A 12 8.57 -0.53 2.37
C GLU A 12 8.02 -0.20 1.02
N MET A 13 8.37 0.95 0.52
CA MET A 13 7.96 1.38 -0.79
C MET A 13 9.05 1.04 -1.79
N ARG A 14 8.74 0.17 -2.70
CA ARG A 14 9.67 -0.22 -3.74
C ARG A 14 9.00 -0.10 -5.09
N ILE A 15 9.71 -0.41 -6.14
CA ILE A 15 9.16 -0.31 -7.48
C ILE A 15 9.08 -1.69 -8.09
N ALA A 16 7.93 -2.04 -8.60
CA ALA A 16 7.73 -3.32 -9.23
C ALA A 16 8.39 -3.30 -10.62
N PRO A 17 8.76 -4.48 -11.17
CA PRO A 17 9.40 -4.61 -12.49
C PRO A 17 8.56 -4.02 -13.64
N ASN A 18 7.30 -3.73 -13.37
CA ASN A 18 6.40 -3.14 -14.36
C ASN A 18 6.47 -1.60 -14.33
N GLY A 19 7.10 -1.05 -13.29
CA GLY A 19 7.25 0.39 -13.21
C GLY A 19 6.32 1.04 -12.21
N ARG A 20 5.51 0.24 -11.53
CA ARG A 20 4.59 0.76 -10.53
C ARG A 20 5.15 0.56 -9.14
N PRO A 21 5.03 1.56 -8.26
CA PRO A 21 5.48 1.43 -6.89
C PRO A 21 4.54 0.58 -6.06
N PHE A 22 5.10 -0.21 -5.19
CA PHE A 22 4.34 -1.10 -4.35
C PHE A 22 4.85 -1.00 -2.94
N PHE A 23 4.00 -1.31 -2.00
CA PHE A 23 4.35 -1.24 -0.61
C PHE A 23 4.26 -2.62 0.00
N ILE A 24 5.29 -3.01 0.68
CA ILE A 24 5.37 -4.31 1.30
C ILE A 24 5.55 -4.20 2.82
N ASP A 25 4.61 -4.74 3.54
CA ASP A 25 4.59 -4.70 4.98
C ASP A 25 5.06 -5.98 5.62
N HIS A 26 6.09 -5.88 6.37
CA HIS A 26 6.62 -6.98 7.14
C HIS A 26 5.89 -7.20 8.48
N ASN A 27 4.99 -6.28 8.84
CA ASN A 27 4.27 -6.42 10.11
C ASN A 27 3.13 -7.40 10.00
N THR A 28 2.24 -7.18 9.07
CA THR A 28 1.07 -7.98 8.93
C THR A 28 1.18 -8.89 7.71
N LYS A 29 2.31 -8.76 7.02
CA LYS A 29 2.61 -9.54 5.83
C LYS A 29 1.64 -9.24 4.71
N THR A 30 1.67 -8.02 4.24
CA THR A 30 0.84 -7.63 3.14
C THR A 30 1.67 -6.89 2.10
N THR A 31 1.29 -7.00 0.86
CA THR A 31 1.98 -6.36 -0.23
C THR A 31 0.98 -5.93 -1.30
N THR A 32 0.75 -4.63 -1.43
CA THR A 32 -0.19 -4.14 -2.44
C THR A 32 0.14 -2.66 -2.80
N TRP A 33 -0.51 -2.16 -3.84
CA TRP A 33 -0.34 -0.78 -4.28
C TRP A 33 -1.29 0.13 -3.47
N GLU A 34 -1.09 1.43 -3.59
CA GLU A 34 -1.89 2.41 -2.87
C GLU A 34 -3.26 2.62 -3.51
N ASP A 35 -4.25 1.92 -3.03
CA ASP A 35 -5.59 2.15 -3.49
C ASP A 35 -6.40 2.63 -2.30
N PRO A 36 -7.31 3.58 -2.49
CA PRO A 36 -8.12 4.13 -1.39
C PRO A 36 -9.06 3.09 -0.79
N ARG A 37 -9.61 2.25 -1.63
CA ARG A 37 -10.62 1.31 -1.21
C ARG A 37 -9.98 0.03 -0.67
N LEU A 38 -8.79 -0.30 -1.17
CA LEU A 38 -8.05 -1.49 -0.72
C LEU A 38 -7.64 -1.44 0.73
N LYS A 39 -7.49 -0.25 1.28
CA LYS A 39 -7.06 -0.12 2.66
C LYS A 39 -8.22 -0.18 3.64
N PHE A 40 -9.41 -0.34 3.13
CA PHE A 40 -10.57 -0.51 3.96
C PHE A 40 -11.17 -1.88 3.74
N PRO A 41 -11.81 -2.45 4.77
CA PRO A 41 -12.52 -3.72 4.65
C PRO A 41 -13.50 -3.73 3.48
N VAL A 42 -13.33 -4.67 2.58
CA VAL A 42 -14.16 -4.74 1.39
C VAL A 42 -15.35 -5.69 1.57
N HIS A 43 -15.16 -6.72 2.40
CA HIS A 43 -16.23 -7.69 2.65
C HIS A 43 -17.26 -7.05 3.57
N MET A 44 -16.80 -6.46 4.63
CA MET A 44 -17.68 -5.71 5.50
C MET A 44 -17.52 -4.24 5.16
N ARG A 45 -18.45 -3.71 4.43
CA ARG A 45 -18.31 -2.36 3.93
C ARG A 45 -18.89 -1.33 4.91
N SER A 46 -19.42 -1.77 6.02
CA SER A 46 -19.91 -0.81 6.99
C SER A 46 -18.74 -0.33 7.87
N LYS A 47 -17.79 0.31 7.23
CA LYS A 47 -16.59 0.82 7.84
C LYS A 47 -16.27 2.13 7.13
N LYS A 1 -3.61 9.27 -6.19
CA LYS A 1 -2.56 8.26 -6.14
C LYS A 1 -1.59 8.61 -5.04
N VAL A 2 -0.90 7.63 -4.49
CA VAL A 2 0.09 7.93 -3.49
C VAL A 2 1.43 8.26 -4.13
N THR A 3 1.53 9.47 -4.59
CA THR A 3 2.74 9.96 -5.17
C THR A 3 3.56 10.56 -4.05
N GLN A 4 2.91 11.38 -3.26
CA GLN A 4 3.53 11.91 -2.09
C GLN A 4 3.49 10.83 -1.05
N SER A 5 4.65 10.39 -0.70
CA SER A 5 4.82 9.24 0.12
C SER A 5 4.42 9.43 1.56
N PHE A 6 3.37 8.78 1.93
CA PHE A 6 2.98 8.67 3.29
C PHE A 6 3.24 7.26 3.67
N LEU A 7 4.24 7.09 4.47
CA LEU A 7 4.75 5.78 4.76
C LEU A 7 4.60 5.44 6.23
N PRO A 8 3.61 4.62 6.56
CA PRO A 8 3.39 4.18 7.92
C PRO A 8 4.39 3.08 8.33
N PRO A 9 4.67 2.94 9.63
CA PRO A 9 5.64 1.95 10.15
C PRO A 9 5.29 0.50 9.76
N GLY A 10 6.21 -0.13 9.06
CA GLY A 10 6.04 -1.49 8.64
C GLY A 10 6.03 -1.63 7.14
N TRP A 11 5.58 -0.59 6.46
CA TRP A 11 5.51 -0.60 5.01
C TRP A 11 6.75 -0.05 4.37
N GLU A 12 7.02 -0.52 3.19
CA GLU A 12 8.08 0.00 2.36
C GLU A 12 7.57 0.20 0.97
N MET A 13 7.91 1.32 0.36
CA MET A 13 7.51 1.58 -1.00
C MET A 13 8.63 1.21 -1.93
N ARG A 14 8.41 0.22 -2.73
CA ARG A 14 9.39 -0.25 -3.68
C ARG A 14 8.79 -0.16 -5.06
N ILE A 15 9.55 -0.44 -6.07
CA ILE A 15 9.04 -0.41 -7.44
C ILE A 15 9.03 -1.82 -7.99
N ALA A 16 7.92 -2.21 -8.51
CA ALA A 16 7.77 -3.54 -9.08
C ALA A 16 8.32 -3.52 -10.50
N PRO A 17 8.73 -4.70 -11.04
CA PRO A 17 9.23 -4.84 -12.43
C PRO A 17 8.24 -4.28 -13.47
N ASN A 18 6.98 -4.21 -13.10
CA ASN A 18 5.94 -3.67 -13.96
C ASN A 18 6.07 -2.14 -14.12
N GLY A 19 6.69 -1.49 -13.15
CA GLY A 19 6.88 -0.05 -13.22
C GLY A 19 6.06 0.71 -12.19
N ARG A 20 5.21 0.01 -11.47
CA ARG A 20 4.38 0.61 -10.45
C ARG A 20 5.05 0.46 -9.11
N PRO A 21 4.90 1.43 -8.23
CA PRO A 21 5.40 1.30 -6.89
C PRO A 21 4.45 0.47 -6.06
N PHE A 22 4.99 -0.35 -5.24
CA PHE A 22 4.20 -1.23 -4.43
C PHE A 22 4.64 -1.09 -3.01
N PHE A 23 3.75 -1.38 -2.12
CA PHE A 23 4.05 -1.32 -0.72
C PHE A 23 4.07 -2.69 -0.12
N ILE A 24 5.13 -2.98 0.55
CA ILE A 24 5.27 -4.23 1.22
C ILE A 24 5.27 -4.00 2.72
N ASP A 25 4.27 -4.55 3.38
CA ASP A 25 4.17 -4.41 4.78
C ASP A 25 4.77 -5.59 5.45
N HIS A 26 5.73 -5.34 6.26
CA HIS A 26 6.41 -6.39 6.97
C HIS A 26 5.63 -6.83 8.20
N ASN A 27 4.61 -6.08 8.54
CA ASN A 27 3.81 -6.38 9.72
C ASN A 27 2.80 -7.46 9.41
N THR A 28 1.98 -7.23 8.42
CA THR A 28 0.95 -8.17 8.02
C THR A 28 1.42 -9.05 6.87
N LYS A 29 2.61 -8.73 6.34
CA LYS A 29 3.22 -9.48 5.22
C LYS A 29 2.43 -9.33 3.94
N THR A 30 1.85 -8.16 3.72
CA THR A 30 1.08 -7.92 2.53
C THR A 30 1.96 -7.19 1.52
N THR A 31 1.71 -7.42 0.27
CA THR A 31 2.45 -6.78 -0.78
C THR A 31 1.52 -6.48 -1.94
N THR A 32 1.21 -5.23 -2.12
CA THR A 32 0.36 -4.79 -3.20
C THR A 32 0.57 -3.27 -3.33
N TRP A 33 0.00 -2.68 -4.36
CA TRP A 33 0.03 -1.23 -4.49
C TRP A 33 -0.89 -0.67 -3.41
N GLU A 34 -0.63 0.51 -2.97
CA GLU A 34 -1.45 1.06 -1.92
C GLU A 34 -2.42 2.06 -2.51
N ASP A 35 -3.65 1.66 -2.57
CA ASP A 35 -4.67 2.48 -3.13
C ASP A 35 -5.50 3.02 -1.97
N PRO A 36 -6.05 4.24 -2.08
CA PRO A 36 -6.83 4.86 -0.99
C PRO A 36 -8.02 4.01 -0.59
N ARG A 37 -8.67 3.43 -1.59
CA ARG A 37 -9.87 2.64 -1.36
C ARG A 37 -9.51 1.23 -0.96
N LEU A 38 -8.30 0.83 -1.29
CA LEU A 38 -7.79 -0.49 -0.91
C LEU A 38 -7.49 -0.55 0.59
N LYS A 39 -7.19 0.63 1.19
CA LYS A 39 -6.98 0.70 2.64
C LYS A 39 -8.26 0.36 3.38
N PHE A 40 -9.37 0.72 2.79
CA PHE A 40 -10.66 0.41 3.35
C PHE A 40 -10.95 -1.05 3.10
N PRO A 41 -11.79 -1.68 3.94
CA PRO A 41 -12.10 -3.09 3.81
C PRO A 41 -12.71 -3.43 2.46
N VAL A 42 -12.07 -4.32 1.77
CA VAL A 42 -12.54 -4.82 0.51
C VAL A 42 -13.17 -6.18 0.75
N HIS A 43 -12.54 -6.95 1.62
CA HIS A 43 -13.04 -8.25 2.00
C HIS A 43 -13.48 -8.21 3.46
N MET A 44 -12.95 -7.22 4.18
CA MET A 44 -13.23 -6.98 5.59
C MET A 44 -12.71 -8.10 6.48
N ARG A 45 -11.52 -7.92 7.00
CA ARG A 45 -10.93 -8.90 7.86
C ARG A 45 -11.34 -8.65 9.31
N SER A 46 -12.09 -9.57 9.85
CA SER A 46 -12.56 -9.51 11.21
C SER A 46 -12.87 -10.91 11.69
N LYS A 47 -12.05 -11.43 12.55
CA LYS A 47 -12.23 -12.75 13.05
C LYS A 47 -12.44 -12.77 14.55
N LYS A 1 13.43 8.75 -4.13
CA LYS A 1 12.54 9.78 -3.63
C LYS A 1 11.59 9.18 -2.62
N VAL A 2 10.97 10.00 -1.83
CA VAL A 2 9.97 9.53 -0.91
C VAL A 2 8.61 9.62 -1.59
N THR A 3 7.61 9.00 -1.02
CA THR A 3 6.31 9.05 -1.59
C THR A 3 5.55 10.29 -1.12
N GLN A 4 4.59 10.72 -1.92
CA GLN A 4 3.70 11.81 -1.57
C GLN A 4 2.49 11.27 -0.80
N SER A 5 2.45 9.97 -0.66
CA SER A 5 1.45 9.29 0.10
C SER A 5 1.99 9.15 1.53
N PHE A 6 1.21 8.66 2.44
CA PHE A 6 1.71 8.45 3.77
C PHE A 6 2.33 7.09 3.82
N LEU A 7 3.44 6.99 4.49
CA LEU A 7 4.16 5.77 4.59
C LEU A 7 4.11 5.32 6.05
N PRO A 8 3.22 4.39 6.35
CA PRO A 8 3.06 3.88 7.70
C PRO A 8 4.19 2.88 8.07
N PRO A 9 4.58 2.84 9.35
CA PRO A 9 5.64 1.96 9.83
C PRO A 9 5.35 0.49 9.53
N GLY A 10 6.29 -0.14 8.87
CA GLY A 10 6.17 -1.52 8.51
C GLY A 10 6.18 -1.68 7.02
N TRP A 11 5.71 -0.66 6.33
CA TRP A 11 5.69 -0.65 4.89
C TRP A 11 6.95 -0.13 4.29
N GLU A 12 7.35 -0.75 3.23
CA GLU A 12 8.49 -0.36 2.46
C GLU A 12 8.05 -0.10 1.04
N MET A 13 8.45 1.04 0.49
CA MET A 13 8.08 1.39 -0.85
C MET A 13 9.10 0.84 -1.85
N ARG A 14 8.67 -0.13 -2.62
CA ARG A 14 9.52 -0.76 -3.61
C ARG A 14 8.90 -0.60 -4.99
N ILE A 15 9.59 -1.06 -6.01
CA ILE A 15 9.13 -0.91 -7.39
C ILE A 15 8.97 -2.29 -8.03
N ALA A 16 7.86 -2.49 -8.67
CA ALA A 16 7.61 -3.71 -9.41
C ALA A 16 8.20 -3.58 -10.80
N PRO A 17 8.62 -4.71 -11.44
CA PRO A 17 9.24 -4.69 -12.79
C PRO A 17 8.35 -4.07 -13.88
N ASN A 18 7.09 -3.84 -13.56
CA ASN A 18 6.16 -3.23 -14.49
C ASN A 18 6.18 -1.70 -14.41
N GLY A 19 6.93 -1.17 -13.47
CA GLY A 19 7.07 0.27 -13.35
C GLY A 19 6.14 0.89 -12.31
N ARG A 20 5.50 0.06 -11.53
CA ARG A 20 4.61 0.53 -10.48
C ARG A 20 5.21 0.29 -9.12
N PRO A 21 5.07 1.23 -8.20
CA PRO A 21 5.57 1.06 -6.86
C PRO A 21 4.59 0.30 -5.99
N PHE A 22 5.11 -0.51 -5.13
CA PHE A 22 4.31 -1.29 -4.26
C PHE A 22 4.79 -1.11 -2.86
N PHE A 23 3.92 -1.22 -1.94
CA PHE A 23 4.26 -1.07 -0.57
C PHE A 23 4.19 -2.43 0.09
N ILE A 24 5.24 -2.79 0.75
CA ILE A 24 5.33 -4.09 1.38
C ILE A 24 5.51 -3.98 2.89
N ASP A 25 4.54 -4.47 3.62
CA ASP A 25 4.58 -4.50 5.06
C ASP A 25 5.01 -5.87 5.52
N HIS A 26 6.14 -5.91 6.16
CA HIS A 26 6.65 -7.15 6.70
C HIS A 26 6.05 -7.51 8.04
N ASN A 27 5.29 -6.58 8.62
CA ASN A 27 4.73 -6.82 9.93
C ASN A 27 3.55 -7.74 9.87
N THR A 28 2.59 -7.40 9.04
CA THR A 28 1.39 -8.16 8.96
C THR A 28 1.34 -8.96 7.66
N LYS A 29 2.35 -8.74 6.83
CA LYS A 29 2.51 -9.44 5.56
C LYS A 29 1.51 -9.00 4.51
N THR A 30 1.58 -7.75 4.13
CA THR A 30 0.74 -7.26 3.07
C THR A 30 1.58 -6.52 2.04
N THR A 31 1.28 -6.74 0.79
CA THR A 31 2.04 -6.18 -0.30
C THR A 31 1.14 -5.89 -1.49
N THR A 32 0.97 -4.62 -1.82
CA THR A 32 0.18 -4.24 -2.97
C THR A 32 0.57 -2.80 -3.39
N TRP A 33 0.00 -2.32 -4.51
CA TRP A 33 0.14 -0.94 -4.94
C TRP A 33 -0.88 -0.13 -4.16
N GLU A 34 -0.80 1.21 -4.25
CA GLU A 34 -1.65 2.16 -3.47
C GLU A 34 -3.12 1.68 -3.43
N ASP A 35 -3.49 1.07 -2.32
CA ASP A 35 -4.77 0.43 -2.14
C ASP A 35 -5.41 0.95 -0.85
N PRO A 36 -6.76 0.92 -0.72
CA PRO A 36 -7.46 1.44 0.47
C PRO A 36 -7.16 0.64 1.73
N ARG A 37 -7.09 -0.66 1.59
CA ARG A 37 -6.95 -1.54 2.72
C ARG A 37 -5.48 -1.66 3.09
N LEU A 38 -4.63 -1.38 2.10
CA LEU A 38 -3.19 -1.43 2.24
C LEU A 38 -2.67 -0.27 3.11
N LYS A 39 -3.54 0.64 3.48
CA LYS A 39 -3.12 1.79 4.25
C LYS A 39 -3.12 1.44 5.73
N PHE A 40 -3.60 0.26 6.03
CA PHE A 40 -3.66 -0.21 7.39
C PHE A 40 -3.09 -1.59 7.45
N PRO A 41 -2.56 -1.97 8.61
CA PRO A 41 -2.07 -3.32 8.83
C PRO A 41 -3.17 -4.33 8.51
N VAL A 42 -2.89 -5.25 7.61
CA VAL A 42 -3.89 -6.20 7.13
C VAL A 42 -4.46 -7.04 8.29
N HIS A 43 -3.65 -7.25 9.32
CA HIS A 43 -4.06 -8.03 10.47
C HIS A 43 -5.18 -7.34 11.28
N MET A 44 -5.32 -6.03 11.14
CA MET A 44 -6.41 -5.36 11.87
C MET A 44 -7.49 -4.92 10.90
N ARG A 45 -7.16 -4.92 9.63
CA ARG A 45 -8.07 -4.44 8.61
C ARG A 45 -8.91 -5.60 8.06
N SER A 46 -8.40 -6.80 8.17
CA SER A 46 -9.07 -7.95 7.66
C SER A 46 -8.91 -9.16 8.60
N LYS A 47 -9.95 -9.46 9.36
CA LYS A 47 -9.97 -10.62 10.23
C LYS A 47 -11.28 -11.35 10.06
N LYS A 1 3.90 15.35 -5.81
CA LYS A 1 3.02 14.58 -6.68
C LYS A 1 1.59 14.87 -6.33
N VAL A 2 0.73 14.94 -7.31
CA VAL A 2 -0.67 15.11 -7.06
C VAL A 2 -1.28 13.76 -6.73
N THR A 3 -1.75 13.63 -5.50
CA THR A 3 -2.28 12.37 -4.98
C THR A 3 -1.14 11.36 -4.80
N GLN A 4 -0.59 11.30 -3.60
CA GLN A 4 0.53 10.42 -3.34
C GLN A 4 0.38 9.70 -2.02
N SER A 5 0.66 8.42 -2.04
CA SER A 5 0.57 7.59 -0.87
C SER A 5 1.74 7.88 0.07
N PHE A 6 1.51 7.69 1.36
CA PHE A 6 2.53 7.91 2.35
C PHE A 6 3.28 6.63 2.61
N LEU A 7 4.32 6.72 3.41
CA LEU A 7 5.09 5.57 3.78
C LEU A 7 4.95 5.33 5.28
N PRO A 8 4.03 4.45 5.67
CA PRO A 8 3.78 4.15 7.07
C PRO A 8 4.79 3.13 7.65
N PRO A 9 4.92 3.08 8.99
CA PRO A 9 5.87 2.19 9.68
C PRO A 9 5.57 0.70 9.48
N GLY A 10 6.48 0.00 8.88
CA GLY A 10 6.31 -1.39 8.61
C GLY A 10 6.15 -1.64 7.14
N TRP A 11 5.64 -0.66 6.44
CA TRP A 11 5.52 -0.74 5.02
C TRP A 11 6.79 -0.27 4.38
N GLU A 12 7.04 -0.78 3.22
CA GLU A 12 8.19 -0.38 2.46
C GLU A 12 7.78 -0.20 1.03
N MET A 13 8.21 0.89 0.44
CA MET A 13 7.83 1.21 -0.92
C MET A 13 8.89 0.75 -1.88
N ARG A 14 8.57 -0.23 -2.64
CA ARG A 14 9.47 -0.76 -3.64
C ARG A 14 8.89 -0.43 -4.99
N ILE A 15 9.63 -0.71 -6.03
CA ILE A 15 9.18 -0.44 -7.37
C ILE A 15 9.04 -1.74 -8.11
N ALA A 16 7.89 -1.96 -8.70
CA ALA A 16 7.64 -3.16 -9.44
C ALA A 16 8.18 -3.01 -10.86
N PRO A 17 8.51 -4.13 -11.55
CA PRO A 17 9.02 -4.12 -12.94
C PRO A 17 8.04 -3.49 -13.94
N ASN A 18 6.80 -3.27 -13.50
CA ASN A 18 5.80 -2.60 -14.32
C ASN A 18 5.99 -1.07 -14.27
N GLY A 19 6.83 -0.61 -13.38
CA GLY A 19 7.13 0.80 -13.28
C GLY A 19 6.29 1.52 -12.25
N ARG A 20 5.60 0.78 -11.43
CA ARG A 20 4.74 1.35 -10.40
C ARG A 20 5.27 0.94 -9.04
N PRO A 21 5.12 1.80 -8.03
CA PRO A 21 5.55 1.47 -6.71
C PRO A 21 4.55 0.59 -5.97
N PHE A 22 5.05 -0.32 -5.19
CA PHE A 22 4.23 -1.22 -4.43
C PHE A 22 4.71 -1.22 -3.00
N PHE A 23 3.89 -1.66 -2.09
CA PHE A 23 4.26 -1.63 -0.70
C PHE A 23 4.26 -2.99 -0.08
N ILE A 24 5.29 -3.28 0.65
CA ILE A 24 5.35 -4.49 1.40
C ILE A 24 5.27 -4.18 2.88
N ASP A 25 4.18 -4.60 3.47
CA ASP A 25 3.96 -4.38 4.85
C ASP A 25 4.41 -5.52 5.67
N HIS A 26 5.33 -5.24 6.54
CA HIS A 26 5.88 -6.21 7.43
C HIS A 26 4.99 -6.48 8.63
N ASN A 27 3.99 -5.61 8.83
CA ASN A 27 3.09 -5.74 9.98
C ASN A 27 2.09 -6.85 9.78
N THR A 28 1.40 -6.81 8.68
CA THR A 28 0.38 -7.79 8.39
C THR A 28 0.90 -8.80 7.39
N LYS A 29 2.10 -8.53 6.88
CA LYS A 29 2.76 -9.34 5.88
C LYS A 29 1.98 -9.38 4.58
N THR A 30 1.86 -8.24 3.98
CA THR A 30 1.19 -8.12 2.71
C THR A 30 2.11 -7.46 1.70
N THR A 31 1.89 -7.72 0.45
CA THR A 31 2.66 -7.11 -0.59
C THR A 31 1.80 -6.88 -1.80
N THR A 32 1.42 -5.65 -2.01
CA THR A 32 0.60 -5.23 -3.13
C THR A 32 0.71 -3.70 -3.14
N TRP A 33 0.11 -3.02 -4.09
CA TRP A 33 0.07 -1.58 -4.02
C TRP A 33 -0.83 -1.23 -2.85
N GLU A 34 -0.42 -0.32 -2.05
CA GLU A 34 -1.19 0.04 -0.89
C GLU A 34 -2.05 1.21 -1.28
N ASP A 35 -3.21 0.87 -1.76
CA ASP A 35 -4.19 1.80 -2.27
C ASP A 35 -5.33 1.87 -1.29
N PRO A 36 -6.13 2.93 -1.30
CA PRO A 36 -7.29 3.02 -0.45
C PRO A 36 -8.35 1.97 -0.82
N ARG A 37 -8.66 1.88 -2.10
CA ARG A 37 -9.78 1.10 -2.57
C ARG A 37 -9.38 -0.36 -2.81
N LEU A 38 -8.14 -0.57 -3.24
CA LEU A 38 -7.64 -1.89 -3.59
C LEU A 38 -7.59 -2.79 -2.35
N LYS A 39 -7.41 -2.19 -1.19
CA LYS A 39 -7.20 -2.97 0.01
C LYS A 39 -8.51 -3.30 0.73
N PHE A 40 -9.62 -2.88 0.18
CA PHE A 40 -10.90 -3.23 0.79
C PHE A 40 -11.27 -4.67 0.51
N PRO A 41 -11.93 -5.33 1.47
CA PRO A 41 -12.39 -6.68 1.29
C PRO A 41 -13.63 -6.73 0.41
N VAL A 42 -13.56 -7.47 -0.66
CA VAL A 42 -14.69 -7.61 -1.55
C VAL A 42 -15.54 -8.82 -1.16
N HIS A 43 -14.94 -9.75 -0.42
CA HIS A 43 -15.68 -10.92 -0.02
C HIS A 43 -15.86 -10.96 1.49
N MET A 44 -14.77 -11.10 2.21
CA MET A 44 -14.83 -11.23 3.66
C MET A 44 -13.47 -10.98 4.28
N ARG A 45 -13.34 -9.87 5.02
CA ARG A 45 -12.17 -9.51 5.84
C ARG A 45 -10.81 -9.70 5.13
N SER A 46 -10.31 -8.63 4.57
CA SER A 46 -9.07 -8.63 3.86
C SER A 46 -8.55 -7.21 3.81
N LYS A 47 -7.31 -7.03 4.10
CA LYS A 47 -6.69 -5.73 4.00
C LYS A 47 -5.51 -5.81 3.04
N LYS A 1 4.16 20.06 -3.73
CA LYS A 1 4.05 21.19 -2.81
C LYS A 1 3.98 20.73 -1.36
N VAL A 2 3.09 19.80 -1.08
CA VAL A 2 2.96 19.26 0.26
C VAL A 2 3.57 17.87 0.32
N THR A 3 4.64 17.72 1.06
CA THR A 3 5.24 16.44 1.21
C THR A 3 4.98 15.88 2.60
N GLN A 4 3.85 15.28 2.72
CA GLN A 4 3.41 14.57 3.92
C GLN A 4 2.75 13.32 3.42
N SER A 5 3.23 12.90 2.25
CA SER A 5 2.74 11.79 1.50
C SER A 5 2.75 10.51 2.32
N PHE A 6 1.81 9.64 2.02
CA PHE A 6 1.63 8.43 2.77
C PHE A 6 2.78 7.45 2.63
N LEU A 7 3.30 7.11 3.76
CA LEU A 7 4.30 6.10 3.92
C LEU A 7 3.95 5.39 5.22
N PRO A 8 3.09 4.40 5.13
CA PRO A 8 2.54 3.73 6.31
C PRO A 8 3.57 2.85 7.06
N PRO A 9 3.55 2.89 8.41
CA PRO A 9 4.47 2.13 9.25
C PRO A 9 4.33 0.62 9.07
N GLY A 10 5.38 0.01 8.61
CA GLY A 10 5.40 -1.40 8.39
C GLY A 10 5.59 -1.70 6.93
N TRP A 11 5.14 -0.80 6.11
CA TRP A 11 5.26 -0.93 4.69
C TRP A 11 6.58 -0.41 4.21
N GLU A 12 7.10 -1.05 3.20
CA GLU A 12 8.32 -0.66 2.60
C GLU A 12 8.06 -0.38 1.14
N MET A 13 8.60 0.69 0.65
CA MET A 13 8.34 1.11 -0.70
C MET A 13 9.37 0.52 -1.66
N ARG A 14 8.90 -0.28 -2.58
CA ARG A 14 9.74 -0.93 -3.59
C ARG A 14 9.14 -0.66 -4.95
N ILE A 15 9.78 -1.11 -6.00
CA ILE A 15 9.27 -0.92 -7.35
C ILE A 15 8.93 -2.27 -7.95
N ALA A 16 7.77 -2.38 -8.53
CA ALA A 16 7.33 -3.61 -9.15
C ALA A 16 7.88 -3.68 -10.58
N PRO A 17 7.94 -4.88 -11.20
CA PRO A 17 8.42 -5.05 -12.60
C PRO A 17 7.56 -4.24 -13.60
N ASN A 18 6.35 -3.93 -13.20
CA ASN A 18 5.43 -3.15 -14.03
C ASN A 18 5.84 -1.68 -14.12
N GLY A 19 6.77 -1.25 -13.26
CA GLY A 19 7.28 0.10 -13.33
C GLY A 19 6.71 1.01 -12.25
N ARG A 20 5.77 0.51 -11.49
CA ARG A 20 5.16 1.29 -10.43
C ARG A 20 5.62 0.82 -9.07
N PRO A 21 5.68 1.73 -8.09
CA PRO A 21 6.06 1.38 -6.74
C PRO A 21 4.96 0.63 -6.00
N PHE A 22 5.37 -0.29 -5.18
CA PHE A 22 4.47 -1.05 -4.38
C PHE A 22 4.96 -1.01 -2.96
N PHE A 23 4.12 -1.34 -2.04
CA PHE A 23 4.47 -1.30 -0.67
C PHE A 23 4.31 -2.66 -0.03
N ILE A 24 5.31 -3.10 0.66
CA ILE A 24 5.26 -4.38 1.34
C ILE A 24 5.31 -4.21 2.83
N ASP A 25 4.26 -4.60 3.50
CA ASP A 25 4.18 -4.52 4.93
C ASP A 25 4.87 -5.69 5.54
N HIS A 26 5.91 -5.42 6.27
CA HIS A 26 6.70 -6.46 6.92
C HIS A 26 6.07 -6.92 8.23
N ASN A 27 5.01 -6.25 8.65
CA ASN A 27 4.36 -6.56 9.91
C ASN A 27 3.43 -7.75 9.75
N THR A 28 2.62 -7.71 8.73
CA THR A 28 1.67 -8.75 8.47
C THR A 28 2.04 -9.52 7.21
N LYS A 29 3.08 -9.02 6.55
CA LYS A 29 3.58 -9.58 5.31
C LYS A 29 2.54 -9.57 4.21
N THR A 30 2.16 -8.38 3.82
CA THR A 30 1.24 -8.19 2.74
C THR A 30 1.91 -7.31 1.69
N THR A 31 1.48 -7.42 0.46
CA THR A 31 2.08 -6.68 -0.61
C THR A 31 1.02 -6.13 -1.54
N THR A 32 0.87 -4.82 -1.53
CA THR A 32 -0.04 -4.13 -2.43
C THR A 32 0.40 -2.65 -2.50
N TRP A 33 -0.16 -1.91 -3.39
CA TRP A 33 0.14 -0.51 -3.55
C TRP A 33 -0.48 0.29 -2.41
N GLU A 34 0.01 1.48 -2.20
CA GLU A 34 -0.56 2.37 -1.24
C GLU A 34 -1.72 3.06 -1.93
N ASP A 35 -2.90 2.57 -1.66
CA ASP A 35 -4.09 3.05 -2.28
C ASP A 35 -4.96 3.77 -1.24
N PRO A 36 -5.70 4.78 -1.65
CA PRO A 36 -6.58 5.54 -0.76
C PRO A 36 -7.76 4.73 -0.24
N ARG A 37 -8.34 3.93 -1.11
CA ARG A 37 -9.57 3.24 -0.78
C ARG A 37 -9.27 1.93 -0.05
N LEU A 38 -8.06 1.42 -0.29
CA LEU A 38 -7.54 0.21 0.34
C LEU A 38 -7.43 0.36 1.87
N LYS A 39 -7.32 1.61 2.33
CA LYS A 39 -7.13 1.94 3.75
C LYS A 39 -8.33 1.53 4.58
N PHE A 40 -9.46 1.44 3.94
CA PHE A 40 -10.69 1.06 4.56
C PHE A 40 -11.17 -0.19 3.87
N PRO A 41 -12.07 -0.97 4.47
CA PRO A 41 -12.61 -2.14 3.80
C PRO A 41 -13.38 -1.72 2.55
N VAL A 42 -12.94 -2.21 1.43
CA VAL A 42 -13.57 -1.89 0.17
C VAL A 42 -14.29 -3.12 -0.37
N HIS A 43 -14.01 -4.26 0.24
CA HIS A 43 -14.63 -5.51 -0.16
C HIS A 43 -15.83 -5.78 0.77
N MET A 44 -16.24 -4.72 1.47
CA MET A 44 -17.42 -4.72 2.36
C MET A 44 -17.24 -5.56 3.62
N ARG A 45 -16.03 -5.92 3.96
CA ARG A 45 -15.82 -6.67 5.18
C ARG A 45 -14.59 -6.15 5.94
N SER A 46 -13.43 -6.80 5.70
CA SER A 46 -12.13 -6.46 6.31
C SER A 46 -11.20 -7.64 6.16
N LYS A 47 -10.10 -7.46 5.50
CA LYS A 47 -9.12 -8.49 5.39
C LYS A 47 -7.77 -7.87 5.65
N LYS A 1 4.94 8.62 -8.32
CA LYS A 1 4.77 9.59 -9.40
C LYS A 1 3.78 10.67 -9.01
N VAL A 2 2.87 10.37 -8.10
CA VAL A 2 1.95 11.37 -7.61
C VAL A 2 2.45 11.92 -6.29
N THR A 3 1.92 13.04 -5.89
CA THR A 3 2.32 13.65 -4.64
C THR A 3 1.57 12.97 -3.49
N GLN A 4 0.44 12.39 -3.83
CA GLN A 4 -0.39 11.72 -2.88
C GLN A 4 0.13 10.32 -2.63
N SER A 5 1.08 10.23 -1.76
CA SER A 5 1.70 8.99 -1.40
C SER A 5 2.10 9.06 0.06
N PHE A 6 1.80 8.04 0.80
CA PHE A 6 2.07 8.01 2.21
C PHE A 6 2.86 6.77 2.54
N LEU A 7 3.71 6.90 3.52
CA LEU A 7 4.53 5.81 3.97
C LEU A 7 4.11 5.49 5.42
N PRO A 8 3.37 4.40 5.60
CA PRO A 8 2.92 3.95 6.91
C PRO A 8 3.95 3.02 7.59
N PRO A 9 3.90 2.92 8.95
CA PRO A 9 4.87 2.15 9.73
C PRO A 9 4.79 0.65 9.45
N GLY A 10 5.86 0.11 8.93
CA GLY A 10 5.94 -1.28 8.65
C GLY A 10 6.01 -1.54 7.18
N TRP A 11 5.45 -0.65 6.40
CA TRP A 11 5.47 -0.77 4.98
C TRP A 11 6.73 -0.24 4.35
N GLU A 12 7.19 -0.94 3.38
CA GLU A 12 8.33 -0.57 2.61
C GLU A 12 7.90 -0.30 1.19
N MET A 13 8.28 0.83 0.68
CA MET A 13 7.92 1.21 -0.66
C MET A 13 8.98 0.75 -1.61
N ARG A 14 8.64 -0.21 -2.41
CA ARG A 14 9.54 -0.72 -3.41
C ARG A 14 8.97 -0.44 -4.77
N ILE A 15 9.70 -0.75 -5.79
CA ILE A 15 9.23 -0.53 -7.15
C ILE A 15 9.15 -1.87 -7.85
N ALA A 16 8.01 -2.17 -8.40
CA ALA A 16 7.81 -3.42 -9.08
C ALA A 16 8.27 -3.29 -10.52
N PRO A 17 8.81 -4.38 -11.11
CA PRO A 17 9.24 -4.42 -12.53
C PRO A 17 8.15 -3.95 -13.52
N ASN A 18 6.89 -4.00 -13.11
CA ASN A 18 5.77 -3.55 -13.95
C ASN A 18 5.72 -2.02 -14.09
N GLY A 19 6.49 -1.31 -13.25
CA GLY A 19 6.53 0.13 -13.33
C GLY A 19 5.67 0.81 -12.29
N ARG A 20 5.34 0.11 -11.25
CA ARG A 20 4.53 0.65 -10.17
C ARG A 20 5.20 0.46 -8.85
N PRO A 21 5.09 1.43 -7.95
CA PRO A 21 5.58 1.27 -6.61
C PRO A 21 4.63 0.43 -5.79
N PHE A 22 5.15 -0.36 -4.93
CA PHE A 22 4.34 -1.20 -4.11
C PHE A 22 4.78 -1.08 -2.69
N PHE A 23 3.87 -1.24 -1.80
CA PHE A 23 4.15 -1.18 -0.40
C PHE A 23 4.02 -2.54 0.19
N ILE A 24 5.07 -2.97 0.80
CA ILE A 24 5.13 -4.27 1.39
C ILE A 24 5.37 -4.16 2.88
N ASP A 25 4.46 -4.70 3.66
CA ASP A 25 4.58 -4.66 5.08
C ASP A 25 5.06 -5.99 5.54
N HIS A 26 6.22 -6.00 6.12
CA HIS A 26 6.81 -7.23 6.58
C HIS A 26 6.27 -7.69 7.92
N ASN A 27 5.44 -6.86 8.52
CA ASN A 27 4.85 -7.18 9.82
C ASN A 27 3.66 -8.10 9.60
N THR A 28 2.72 -7.63 8.81
CA THR A 28 1.49 -8.34 8.52
C THR A 28 1.60 -9.14 7.22
N LYS A 29 2.78 -9.03 6.59
CA LYS A 29 3.16 -9.79 5.38
C LYS A 29 2.31 -9.41 4.15
N THR A 30 1.86 -8.17 4.10
CA THR A 30 1.00 -7.75 3.02
C THR A 30 1.79 -7.00 1.95
N THR A 31 1.30 -7.00 0.75
CA THR A 31 1.94 -6.35 -0.36
C THR A 31 0.89 -5.79 -1.30
N THR A 32 0.80 -4.49 -1.42
CA THR A 32 -0.14 -3.90 -2.35
C THR A 32 0.34 -2.50 -2.76
N TRP A 33 -0.22 -1.99 -3.82
CA TRP A 33 0.09 -0.70 -4.36
C TRP A 33 -0.67 0.38 -3.61
N GLU A 34 -0.31 1.61 -3.84
CA GLU A 34 -1.03 2.69 -3.26
C GLU A 34 -1.87 3.31 -4.36
N ASP A 35 -3.06 2.80 -4.50
CA ASP A 35 -3.99 3.24 -5.51
C ASP A 35 -4.98 4.17 -4.85
N PRO A 36 -5.47 5.16 -5.56
CA PRO A 36 -6.44 6.11 -5.01
C PRO A 36 -7.76 5.44 -4.65
N ARG A 37 -8.25 4.60 -5.56
CA ARG A 37 -9.57 4.05 -5.45
C ARG A 37 -9.56 2.81 -4.57
N LEU A 38 -8.42 2.13 -4.57
CA LEU A 38 -8.25 0.93 -3.78
C LEU A 38 -8.17 1.30 -2.31
N LYS A 39 -7.68 2.50 -2.04
CA LYS A 39 -7.43 2.92 -0.69
C LYS A 39 -8.70 3.52 -0.04
N PHE A 40 -9.74 3.73 -0.83
CA PHE A 40 -11.02 4.16 -0.26
C PHE A 40 -11.81 2.97 0.22
N PRO A 41 -12.66 3.15 1.23
CA PRO A 41 -13.56 2.11 1.68
C PRO A 41 -14.68 1.92 0.67
N VAL A 42 -14.80 0.72 0.17
CA VAL A 42 -15.81 0.41 -0.82
C VAL A 42 -17.03 -0.20 -0.16
N HIS A 43 -16.80 -1.01 0.84
CA HIS A 43 -17.88 -1.68 1.53
C HIS A 43 -18.34 -0.85 2.73
N MET A 44 -17.44 -0.11 3.32
CA MET A 44 -17.77 0.71 4.46
C MET A 44 -18.32 2.05 3.98
N ARG A 45 -19.63 2.17 3.96
CA ARG A 45 -20.28 3.37 3.48
C ARG A 45 -20.93 4.13 4.61
N SER A 46 -20.72 3.66 5.83
CA SER A 46 -21.27 4.32 7.00
C SER A 46 -20.59 5.66 7.22
N LYS A 47 -19.36 5.66 6.90
CA LYS A 47 -18.51 6.84 6.96
C LYS A 47 -17.67 6.87 5.71
N LYS A 1 -2.86 19.25 -7.42
CA LYS A 1 -3.19 18.18 -6.49
C LYS A 1 -2.30 17.00 -6.72
N VAL A 2 -2.30 16.06 -5.82
CA VAL A 2 -1.53 14.87 -5.95
C VAL A 2 -2.26 13.70 -5.30
N THR A 3 -2.31 12.60 -5.99
CA THR A 3 -2.89 11.40 -5.48
C THR A 3 -1.86 10.72 -4.59
N GLN A 4 -2.06 10.84 -3.30
CA GLN A 4 -1.06 10.44 -2.34
C GLN A 4 -1.12 8.97 -1.96
N SER A 5 -0.08 8.27 -2.29
CA SER A 5 0.17 6.96 -1.80
C SER A 5 1.30 7.10 -0.80
N PHE A 6 1.09 6.65 0.41
CA PHE A 6 1.96 6.97 1.50
C PHE A 6 2.69 5.74 2.02
N LEU A 7 3.83 5.98 2.62
CA LEU A 7 4.65 4.94 3.21
C LEU A 7 4.55 5.00 4.74
N PRO A 8 3.71 4.16 5.33
CA PRO A 8 3.56 4.09 6.77
C PRO A 8 4.59 3.13 7.43
N PRO A 9 4.82 3.27 8.76
CA PRO A 9 5.79 2.44 9.50
C PRO A 9 5.45 0.94 9.46
N GLY A 10 6.37 0.17 8.90
CA GLY A 10 6.22 -1.24 8.77
C GLY A 10 6.20 -1.65 7.31
N TRP A 11 5.74 -0.73 6.49
CA TRP A 11 5.67 -0.95 5.08
C TRP A 11 6.97 -0.58 4.40
N GLU A 12 7.22 -1.21 3.30
CA GLU A 12 8.39 -0.95 2.49
C GLU A 12 7.91 -0.70 1.09
N MET A 13 8.32 0.42 0.52
CA MET A 13 7.91 0.74 -0.81
C MET A 13 9.00 0.42 -1.80
N ARG A 14 8.76 -0.57 -2.59
CA ARG A 14 9.70 -0.92 -3.64
C ARG A 14 9.05 -0.58 -4.97
N ILE A 15 9.76 -0.75 -6.04
CA ILE A 15 9.24 -0.43 -7.35
C ILE A 15 9.16 -1.70 -8.15
N ALA A 16 8.04 -1.92 -8.77
CA ALA A 16 7.84 -3.08 -9.59
C ALA A 16 8.41 -2.81 -10.99
N PRO A 17 8.77 -3.86 -11.75
CA PRO A 17 9.27 -3.71 -13.14
C PRO A 17 8.33 -2.87 -14.02
N ASN A 18 7.04 -2.88 -13.68
CA ASN A 18 6.04 -2.10 -14.42
C ASN A 18 6.14 -0.59 -14.13
N GLY A 19 6.97 -0.20 -13.18
CA GLY A 19 7.18 1.21 -12.91
C GLY A 19 6.29 1.75 -11.83
N ARG A 20 5.51 0.90 -11.24
CA ARG A 20 4.62 1.28 -10.16
C ARG A 20 5.22 0.83 -8.86
N PRO A 21 5.07 1.62 -7.80
CA PRO A 21 5.57 1.25 -6.50
C PRO A 21 4.62 0.29 -5.80
N PHE A 22 5.17 -0.60 -5.03
CA PHE A 22 4.38 -1.54 -4.29
C PHE A 22 4.80 -1.53 -2.85
N PHE A 23 3.89 -1.81 -1.97
CA PHE A 23 4.19 -1.78 -0.58
C PHE A 23 4.10 -3.16 0.02
N ILE A 24 5.13 -3.52 0.74
CA ILE A 24 5.14 -4.75 1.45
C ILE A 24 5.30 -4.49 2.94
N ASP A 25 4.27 -4.81 3.67
CA ASP A 25 4.22 -4.59 5.08
C ASP A 25 4.83 -5.71 5.85
N HIS A 26 5.75 -5.37 6.69
CA HIS A 26 6.42 -6.31 7.55
C HIS A 26 5.61 -6.61 8.81
N ASN A 27 4.67 -5.75 9.13
CA ASN A 27 3.92 -5.88 10.36
C ASN A 27 2.87 -6.98 10.26
N THR A 28 2.13 -6.98 9.18
CA THR A 28 1.08 -7.96 9.00
C THR A 28 1.39 -8.86 7.82
N LYS A 29 2.48 -8.55 7.11
CA LYS A 29 2.91 -9.27 5.93
C LYS A 29 1.90 -9.27 4.80
N THR A 30 1.64 -8.09 4.30
CA THR A 30 0.78 -7.93 3.15
C THR A 30 1.58 -7.26 2.04
N THR A 31 1.15 -7.40 0.81
CA THR A 31 1.85 -6.85 -0.32
C THR A 31 0.89 -6.50 -1.43
N THR A 32 0.67 -5.23 -1.64
CA THR A 32 -0.14 -4.75 -2.72
C THR A 32 0.25 -3.27 -2.94
N TRP A 33 -0.27 -2.64 -3.95
CA TRP A 33 -0.01 -1.23 -4.18
C TRP A 33 -0.95 -0.45 -3.29
N GLU A 34 -0.63 0.77 -3.03
CA GLU A 34 -1.55 1.62 -2.35
C GLU A 34 -2.06 2.62 -3.34
N ASP A 35 -3.27 2.41 -3.76
CA ASP A 35 -3.85 3.27 -4.73
C ASP A 35 -4.44 4.44 -3.96
N PRO A 36 -4.55 5.64 -4.55
CA PRO A 36 -5.09 6.80 -3.87
C PRO A 36 -6.52 6.57 -3.43
N ARG A 37 -7.26 5.90 -4.27
CA ARG A 37 -8.65 5.69 -4.01
C ARG A 37 -8.84 4.47 -3.12
N LEU A 38 -7.95 3.47 -3.25
CA LEU A 38 -7.99 2.30 -2.35
C LEU A 38 -7.37 2.62 -0.99
N LYS A 39 -6.79 3.79 -0.88
CA LYS A 39 -6.20 4.23 0.37
C LYS A 39 -7.29 4.64 1.32
N PHE A 40 -8.39 5.07 0.77
CA PHE A 40 -9.52 5.46 1.56
C PHE A 40 -10.52 4.33 1.54
N PRO A 41 -11.37 4.23 2.56
CA PRO A 41 -12.44 3.24 2.59
C PRO A 41 -13.37 3.38 1.39
N VAL A 42 -13.49 2.31 0.65
CA VAL A 42 -14.34 2.26 -0.52
C VAL A 42 -15.64 1.53 -0.15
N HIS A 43 -15.58 0.72 0.90
CA HIS A 43 -16.72 -0.05 1.32
C HIS A 43 -17.61 0.77 2.24
N MET A 44 -17.08 1.16 3.38
CA MET A 44 -17.85 1.91 4.34
C MET A 44 -16.96 2.78 5.23
N ARG A 45 -16.93 4.08 4.94
CA ARG A 45 -16.13 5.03 5.70
C ARG A 45 -16.67 5.20 7.10
N SER A 46 -17.91 5.59 7.22
CA SER A 46 -18.49 5.75 8.52
C SER A 46 -18.98 4.39 9.01
N LYS A 47 -18.05 3.62 9.50
CA LYS A 47 -18.30 2.31 10.01
C LYS A 47 -18.22 2.35 11.52
N LYS A 1 -2.19 16.68 -10.77
CA LYS A 1 -1.86 16.93 -9.38
C LYS A 1 -1.40 15.64 -8.78
N VAL A 2 -0.47 15.70 -7.89
CA VAL A 2 0.03 14.50 -7.28
C VAL A 2 -0.84 14.11 -6.10
N THR A 3 -1.35 12.90 -6.15
CA THR A 3 -2.17 12.41 -5.09
C THR A 3 -1.25 11.78 -4.05
N GLN A 4 -1.16 12.40 -2.90
CA GLN A 4 -0.21 12.01 -1.88
C GLN A 4 -0.40 10.62 -1.33
N SER A 5 0.53 9.77 -1.64
CA SER A 5 0.61 8.48 -1.04
C SER A 5 1.51 8.64 0.18
N PHE A 6 1.47 7.73 1.08
CA PHE A 6 2.24 7.86 2.30
C PHE A 6 3.20 6.72 2.46
N LEU A 7 3.85 6.69 3.58
CA LEU A 7 4.73 5.63 3.91
C LEU A 7 4.46 5.23 5.35
N PRO A 8 3.53 4.29 5.56
CA PRO A 8 3.15 3.87 6.89
C PRO A 8 4.21 2.95 7.51
N PRO A 9 4.39 3.03 8.83
CA PRO A 9 5.37 2.20 9.56
C PRO A 9 5.10 0.70 9.38
N GLY A 10 6.03 0.01 8.78
CA GLY A 10 5.92 -1.39 8.51
C GLY A 10 5.91 -1.68 7.05
N TRP A 11 5.45 -0.74 6.28
CA TRP A 11 5.41 -0.85 4.86
C TRP A 11 6.67 -0.37 4.23
N GLU A 12 7.14 -1.12 3.29
CA GLU A 12 8.33 -0.77 2.56
C GLU A 12 7.96 -0.50 1.11
N MET A 13 8.33 0.65 0.66
CA MET A 13 8.00 1.09 -0.67
C MET A 13 9.10 0.70 -1.64
N ARG A 14 8.75 -0.09 -2.64
CA ARG A 14 9.69 -0.51 -3.68
C ARG A 14 9.03 -0.27 -5.03
N ILE A 15 9.72 -0.55 -6.11
CA ILE A 15 9.17 -0.38 -7.45
C ILE A 15 9.06 -1.73 -8.13
N ALA A 16 7.93 -2.01 -8.69
CA ALA A 16 7.72 -3.24 -9.40
C ALA A 16 8.23 -3.09 -10.83
N PRO A 17 8.56 -4.22 -11.52
CA PRO A 17 9.07 -4.19 -12.91
C PRO A 17 8.11 -3.47 -13.88
N ASN A 18 6.84 -3.44 -13.51
CA ASN A 18 5.80 -2.78 -14.31
C ASN A 18 5.87 -1.25 -14.21
N GLY A 19 6.63 -0.74 -13.26
CA GLY A 19 6.80 0.69 -13.12
C GLY A 19 5.93 1.27 -12.03
N ARG A 20 5.21 0.42 -11.35
CA ARG A 20 4.34 0.87 -10.29
C ARG A 20 5.01 0.61 -8.97
N PRO A 21 4.84 1.49 -8.00
CA PRO A 21 5.41 1.27 -6.70
C PRO A 21 4.54 0.34 -5.88
N PHE A 22 5.17 -0.51 -5.13
CA PHE A 22 4.44 -1.44 -4.33
C PHE A 22 4.96 -1.37 -2.93
N PHE A 23 4.12 -1.64 -2.00
CA PHE A 23 4.48 -1.58 -0.63
C PHE A 23 4.42 -2.97 -0.03
N ILE A 24 5.45 -3.33 0.66
CA ILE A 24 5.51 -4.60 1.33
C ILE A 24 5.56 -4.40 2.84
N ASP A 25 4.51 -4.80 3.49
CA ASP A 25 4.38 -4.65 4.91
C ASP A 25 4.88 -5.83 5.65
N HIS A 26 5.79 -5.58 6.54
CA HIS A 26 6.34 -6.60 7.41
C HIS A 26 5.45 -6.87 8.62
N ASN A 27 4.54 -5.95 8.93
CA ASN A 27 3.72 -6.07 10.15
C ASN A 27 2.66 -7.11 10.02
N THR A 28 1.92 -7.06 8.93
CA THR A 28 0.86 -7.99 8.69
C THR A 28 1.25 -8.96 7.60
N LYS A 29 2.41 -8.70 7.00
CA LYS A 29 2.96 -9.50 5.92
C LYS A 29 2.08 -9.47 4.69
N THR A 30 1.95 -8.31 4.12
CA THR A 30 1.16 -8.13 2.93
C THR A 30 1.99 -7.36 1.88
N THR A 31 1.58 -7.43 0.65
CA THR A 31 2.28 -6.76 -0.43
C THR A 31 1.30 -6.31 -1.51
N THR A 32 1.07 -5.03 -1.62
CA THR A 32 0.19 -4.51 -2.63
C THR A 32 0.60 -3.06 -2.93
N TRP A 33 0.00 -2.45 -3.93
CA TRP A 33 0.26 -1.08 -4.25
C TRP A 33 -0.58 -0.25 -3.31
N GLU A 34 -0.13 0.91 -3.00
CA GLU A 34 -0.88 1.76 -2.14
C GLU A 34 -1.79 2.63 -2.95
N ASP A 35 -3.07 2.35 -2.88
CA ASP A 35 -4.05 3.14 -3.56
C ASP A 35 -4.20 4.43 -2.75
N PRO A 36 -4.44 5.56 -3.40
CA PRO A 36 -4.53 6.86 -2.74
C PRO A 36 -5.68 6.91 -1.73
N ARG A 37 -6.80 6.34 -2.12
CA ARG A 37 -8.01 6.43 -1.35
C ARG A 37 -8.04 5.35 -0.28
N LEU A 38 -7.18 4.34 -0.47
CA LEU A 38 -7.03 3.24 0.50
C LEU A 38 -6.60 3.74 1.91
N LYS A 39 -6.15 4.98 1.99
CA LYS A 39 -5.79 5.59 3.27
C LYS A 39 -7.03 6.10 4.01
N PHE A 40 -8.13 6.08 3.34
CA PHE A 40 -9.41 6.45 3.89
C PHE A 40 -10.23 5.18 4.06
N PRO A 41 -11.24 5.19 4.95
CA PRO A 41 -12.12 4.03 5.19
C PRO A 41 -12.68 3.46 3.88
N VAL A 42 -12.45 2.19 3.66
CA VAL A 42 -12.98 1.53 2.48
C VAL A 42 -14.34 0.90 2.79
N HIS A 43 -14.46 0.31 3.96
CA HIS A 43 -15.74 -0.21 4.43
C HIS A 43 -16.14 0.54 5.68
N MET A 44 -15.43 0.30 6.75
CA MET A 44 -15.65 1.02 8.00
C MET A 44 -14.41 1.80 8.33
N ARG A 45 -13.28 1.20 8.08
CA ARG A 45 -12.01 1.80 8.35
C ARG A 45 -11.03 1.35 7.28
N SER A 46 -9.76 1.56 7.51
CA SER A 46 -8.73 1.10 6.66
C SER A 46 -7.42 1.30 7.40
N LYS A 47 -6.50 0.43 7.18
CA LYS A 47 -5.21 0.48 7.79
C LYS A 47 -4.12 0.14 6.79
N LYS A 1 -1.08 9.27 -12.94
CA LYS A 1 -1.42 9.96 -11.71
C LYS A 1 -1.59 8.97 -10.59
N VAL A 2 -0.61 8.89 -9.75
CA VAL A 2 -0.65 8.03 -8.60
C VAL A 2 -0.70 8.92 -7.37
N THR A 3 -1.87 9.08 -6.84
CA THR A 3 -2.09 9.92 -5.68
C THR A 3 -1.62 9.21 -4.41
N GLN A 4 -1.65 7.90 -4.46
CA GLN A 4 -1.28 7.09 -3.34
C GLN A 4 0.23 6.96 -3.25
N SER A 5 0.83 7.82 -2.46
CA SER A 5 2.26 7.80 -2.21
C SER A 5 2.55 8.34 -0.82
N PHE A 6 2.83 7.44 0.07
CA PHE A 6 3.07 7.73 1.46
C PHE A 6 3.88 6.58 2.00
N LEU A 7 4.46 6.73 3.16
CA LEU A 7 5.20 5.64 3.76
C LEU A 7 4.54 5.31 5.09
N PRO A 8 3.69 4.27 5.11
CA PRO A 8 3.01 3.86 6.31
C PRO A 8 3.84 2.86 7.14
N PRO A 9 3.58 2.78 8.46
CA PRO A 9 4.37 1.96 9.39
C PRO A 9 4.41 0.47 9.03
N GLY A 10 5.61 -0.02 8.77
CA GLY A 10 5.80 -1.40 8.47
C GLY A 10 5.93 -1.68 7.00
N TRP A 11 5.32 -0.82 6.19
CA TRP A 11 5.38 -0.95 4.76
C TRP A 11 6.63 -0.35 4.20
N GLU A 12 7.18 -1.01 3.24
CA GLU A 12 8.28 -0.47 2.48
C GLU A 12 7.83 -0.24 1.08
N MET A 13 8.21 0.86 0.52
CA MET A 13 7.86 1.17 -0.84
C MET A 13 9.00 0.77 -1.73
N ARG A 14 8.71 -0.11 -2.65
CA ARG A 14 9.69 -0.56 -3.62
C ARG A 14 9.08 -0.41 -5.00
N ILE A 15 9.84 -0.60 -6.03
CA ILE A 15 9.34 -0.40 -7.39
C ILE A 15 9.26 -1.72 -8.13
N ALA A 16 8.10 -2.00 -8.66
CA ALA A 16 7.89 -3.21 -9.42
C ALA A 16 8.31 -3.00 -10.88
N PRO A 17 8.62 -4.09 -11.63
CA PRO A 17 9.05 -4.01 -13.05
C PRO A 17 7.98 -3.39 -13.96
N ASN A 18 6.76 -3.31 -13.47
CA ASN A 18 5.65 -2.71 -14.21
C ASN A 18 5.69 -1.18 -14.15
N GLY A 19 6.59 -0.65 -13.33
CA GLY A 19 6.76 0.78 -13.25
C GLY A 19 5.92 1.40 -12.16
N ARG A 20 5.43 0.59 -11.27
CA ARG A 20 4.63 1.07 -10.20
C ARG A 20 5.24 0.71 -8.87
N PRO A 21 5.16 1.61 -7.90
CA PRO A 21 5.62 1.31 -6.57
C PRO A 21 4.64 0.41 -5.84
N PHE A 22 5.19 -0.47 -5.06
CA PHE A 22 4.40 -1.40 -4.31
C PHE A 22 4.85 -1.35 -2.86
N PHE A 23 3.96 -1.65 -1.97
CA PHE A 23 4.26 -1.55 -0.56
C PHE A 23 4.22 -2.91 0.10
N ILE A 24 5.21 -3.18 0.90
CA ILE A 24 5.30 -4.44 1.60
C ILE A 24 5.39 -4.25 3.12
N ASP A 25 4.36 -4.69 3.81
CA ASP A 25 4.26 -4.57 5.25
C ASP A 25 4.86 -5.74 5.99
N HIS A 26 5.77 -5.42 6.86
CA HIS A 26 6.46 -6.42 7.67
C HIS A 26 5.66 -6.85 8.89
N ASN A 27 4.62 -6.13 9.20
CA ASN A 27 3.83 -6.44 10.37
C ASN A 27 2.92 -7.61 10.13
N THR A 28 2.18 -7.56 9.06
CA THR A 28 1.22 -8.58 8.75
C THR A 28 1.61 -9.39 7.52
N LYS A 29 2.67 -8.94 6.84
CA LYS A 29 3.10 -9.55 5.58
C LYS A 29 2.07 -9.40 4.48
N THR A 30 1.81 -8.18 4.12
CA THR A 30 0.96 -7.88 3.02
C THR A 30 1.76 -7.09 2.00
N THR A 31 1.49 -7.30 0.75
CA THR A 31 2.21 -6.65 -0.29
C THR A 31 1.29 -6.28 -1.42
N THR A 32 1.05 -5.00 -1.59
CA THR A 32 0.26 -4.48 -2.67
C THR A 32 0.57 -2.99 -2.79
N TRP A 33 0.10 -2.37 -3.82
CA TRP A 33 0.19 -0.95 -4.01
C TRP A 33 -0.68 -0.28 -2.95
N GLU A 34 -0.40 0.96 -2.63
CA GLU A 34 -1.21 1.65 -1.63
C GLU A 34 -2.63 1.83 -2.14
N ASP A 35 -3.51 1.06 -1.58
CA ASP A 35 -4.91 1.09 -1.92
C ASP A 35 -5.61 1.83 -0.79
N PRO A 36 -6.71 2.52 -1.06
CA PRO A 36 -7.42 3.30 -0.06
C PRO A 36 -8.00 2.42 1.04
N ARG A 37 -8.60 1.32 0.64
CA ARG A 37 -9.31 0.47 1.57
C ARG A 37 -8.32 -0.49 2.23
N LEU A 38 -7.14 -0.53 1.67
CA LEU A 38 -6.02 -1.22 2.29
C LEU A 38 -5.47 -0.38 3.46
N LYS A 39 -5.70 0.93 3.38
CA LYS A 39 -5.24 1.87 4.40
C LYS A 39 -6.31 2.08 5.48
N PHE A 40 -7.56 2.06 5.07
CA PHE A 40 -8.66 2.20 6.01
C PHE A 40 -9.20 0.81 6.37
N PRO A 41 -9.95 0.68 7.47
CA PRO A 41 -10.59 -0.59 7.81
C PRO A 41 -11.60 -0.97 6.74
N VAL A 42 -11.41 -2.13 6.15
CA VAL A 42 -12.28 -2.58 5.08
C VAL A 42 -13.09 -3.83 5.48
N HIS A 43 -12.49 -4.70 6.27
CA HIS A 43 -13.15 -5.93 6.68
C HIS A 43 -14.02 -5.67 7.88
N MET A 44 -13.59 -4.70 8.69
CA MET A 44 -14.29 -4.27 9.90
C MET A 44 -14.34 -5.38 10.94
N ARG A 45 -13.41 -5.31 11.85
CA ARG A 45 -13.27 -6.33 12.87
C ARG A 45 -13.80 -5.87 14.22
N SER A 46 -13.90 -6.79 15.12
CA SER A 46 -14.26 -6.55 16.48
C SER A 46 -13.40 -7.44 17.36
N LYS A 47 -12.20 -6.98 17.57
CA LYS A 47 -11.19 -7.70 18.30
C LYS A 47 -10.55 -6.79 19.31
N LYS A 1 -10.25 8.56 -9.14
CA LYS A 1 -9.74 8.95 -7.83
C LYS A 1 -8.27 9.30 -7.98
N VAL A 2 -7.71 9.99 -7.01
CA VAL A 2 -6.32 10.39 -7.10
C VAL A 2 -5.38 9.26 -6.70
N THR A 3 -4.27 9.18 -7.37
CA THR A 3 -3.26 8.22 -7.07
C THR A 3 -2.38 8.81 -5.97
N GLN A 4 -2.60 8.38 -4.76
CA GLN A 4 -1.90 8.95 -3.64
C GLN A 4 -0.54 8.29 -3.44
N SER A 5 0.25 8.87 -2.59
CA SER A 5 1.54 8.36 -2.23
C SER A 5 1.71 8.54 -0.73
N PHE A 6 1.79 7.46 -0.01
CA PHE A 6 1.91 7.52 1.43
C PHE A 6 2.81 6.41 1.90
N LEU A 7 3.47 6.63 3.00
CA LEU A 7 4.38 5.65 3.56
C LEU A 7 4.00 5.43 5.03
N PRO A 8 3.34 4.29 5.33
CA PRO A 8 2.98 3.91 6.68
C PRO A 8 4.06 3.02 7.34
N PRO A 9 4.05 2.86 8.68
CA PRO A 9 5.07 2.08 9.40
C PRO A 9 4.95 0.58 9.15
N GLY A 10 6.03 -0.02 8.73
CA GLY A 10 6.06 -1.41 8.47
C GLY A 10 6.06 -1.68 7.01
N TRP A 11 5.48 -0.79 6.26
CA TRP A 11 5.45 -0.90 4.84
C TRP A 11 6.72 -0.42 4.22
N GLU A 12 7.21 -1.19 3.32
CA GLU A 12 8.40 -0.88 2.60
C GLU A 12 8.06 -0.65 1.17
N MET A 13 8.44 0.50 0.70
CA MET A 13 8.12 0.93 -0.62
C MET A 13 9.21 0.54 -1.59
N ARG A 14 8.84 -0.26 -2.55
CA ARG A 14 9.74 -0.74 -3.57
C ARG A 14 9.06 -0.56 -4.92
N ILE A 15 9.73 -0.89 -6.00
CA ILE A 15 9.16 -0.69 -7.33
C ILE A 15 8.92 -2.03 -8.04
N ALA A 16 7.79 -2.13 -8.72
CA ALA A 16 7.43 -3.30 -9.49
C ALA A 16 7.93 -3.13 -10.92
N PRO A 17 8.11 -4.24 -11.69
CA PRO A 17 8.61 -4.20 -13.08
C PRO A 17 7.75 -3.34 -14.04
N ASN A 18 6.58 -2.94 -13.60
CA ASN A 18 5.71 -2.09 -14.41
C ASN A 18 5.99 -0.60 -14.19
N GLY A 19 6.85 -0.29 -13.23
CA GLY A 19 7.23 1.10 -12.97
C GLY A 19 6.44 1.73 -11.85
N ARG A 20 5.54 0.97 -11.26
CA ARG A 20 4.71 1.45 -10.19
C ARG A 20 5.21 0.86 -8.88
N PRO A 21 5.05 1.57 -7.77
CA PRO A 21 5.54 1.12 -6.49
C PRO A 21 4.62 0.13 -5.78
N PHE A 22 5.23 -0.73 -4.98
CA PHE A 22 4.48 -1.66 -4.19
C PHE A 22 4.96 -1.53 -2.78
N PHE A 23 4.09 -1.77 -1.85
CA PHE A 23 4.41 -1.62 -0.47
C PHE A 23 4.28 -2.96 0.22
N ILE A 24 5.27 -3.31 0.98
CA ILE A 24 5.27 -4.56 1.70
C ILE A 24 5.43 -4.35 3.19
N ASP A 25 4.41 -4.67 3.93
CA ASP A 25 4.44 -4.58 5.36
C ASP A 25 4.98 -5.82 5.96
N HIS A 26 6.04 -5.71 6.67
CA HIS A 26 6.63 -6.82 7.34
C HIS A 26 5.99 -7.16 8.66
N ASN A 27 5.07 -6.32 9.11
CA ASN A 27 4.38 -6.58 10.37
C ASN A 27 3.35 -7.67 10.19
N THR A 28 2.42 -7.44 9.29
CA THR A 28 1.33 -8.35 9.09
C THR A 28 1.51 -9.14 7.81
N LYS A 29 2.56 -8.78 7.08
CA LYS A 29 2.91 -9.38 5.82
C LYS A 29 1.86 -9.22 4.76
N THR A 30 1.64 -7.98 4.42
CA THR A 30 0.75 -7.63 3.35
C THR A 30 1.55 -6.92 2.27
N THR A 31 1.22 -7.18 1.04
CA THR A 31 1.93 -6.59 -0.07
C THR A 31 0.96 -6.19 -1.17
N THR A 32 0.87 -4.91 -1.45
CA THR A 32 0.04 -4.43 -2.53
C THR A 32 0.56 -3.03 -2.93
N TRP A 33 0.05 -2.45 -3.98
CA TRP A 33 0.45 -1.11 -4.40
C TRP A 33 -0.36 -0.10 -3.62
N GLU A 34 0.04 1.14 -3.69
CA GLU A 34 -0.77 2.20 -3.15
C GLU A 34 -1.79 2.52 -4.21
N ASP A 35 -2.90 1.85 -4.13
CA ASP A 35 -3.93 1.96 -5.11
C ASP A 35 -4.93 2.99 -4.63
N PRO A 36 -5.44 3.79 -5.55
CA PRO A 36 -6.41 4.82 -5.23
C PRO A 36 -7.71 4.24 -4.68
N ARG A 37 -8.17 3.18 -5.31
CA ARG A 37 -9.48 2.63 -5.02
C ARG A 37 -9.41 1.64 -3.87
N LEU A 38 -8.23 1.05 -3.68
CA LEU A 38 -7.99 0.05 -2.63
C LEU A 38 -8.18 0.64 -1.24
N LYS A 39 -8.02 1.95 -1.14
CA LYS A 39 -8.10 2.62 0.13
C LYS A 39 -9.51 3.12 0.40
N PHE A 40 -10.39 2.65 -0.42
CA PHE A 40 -11.81 2.80 -0.30
C PHE A 40 -12.38 1.39 -0.29
N PRO A 41 -13.65 1.19 0.10
CA PRO A 41 -14.25 -0.12 0.04
C PRO A 41 -14.22 -0.66 -1.40
N VAL A 42 -13.61 -1.81 -1.58
CA VAL A 42 -13.46 -2.38 -2.90
C VAL A 42 -14.50 -3.45 -3.14
N HIS A 43 -14.52 -4.42 -2.27
CA HIS A 43 -15.45 -5.51 -2.41
C HIS A 43 -16.61 -5.29 -1.49
N MET A 44 -16.32 -5.18 -0.20
CA MET A 44 -17.36 -4.95 0.77
C MET A 44 -17.63 -3.46 0.85
N ARG A 45 -18.54 -2.99 0.01
CA ARG A 45 -18.83 -1.57 -0.08
C ARG A 45 -19.81 -1.07 0.95
N SER A 46 -20.25 -1.97 1.77
CA SER A 46 -21.01 -1.60 2.91
C SER A 46 -20.05 -1.42 4.07
N LYS A 47 -19.59 -0.21 4.23
CA LYS A 47 -18.68 0.12 5.29
C LYS A 47 -19.38 1.03 6.25
N LYS A 1 -3.08 10.48 -12.48
CA LYS A 1 -3.47 10.67 -11.10
C LYS A 1 -2.23 10.72 -10.23
N VAL A 2 -2.36 11.12 -9.01
CA VAL A 2 -1.23 11.17 -8.12
C VAL A 2 -1.42 10.12 -7.03
N THR A 3 -0.35 9.54 -6.58
CA THR A 3 -0.41 8.56 -5.53
C THR A 3 -0.48 9.25 -4.17
N GLN A 4 -1.65 9.27 -3.60
CA GLN A 4 -1.87 9.91 -2.34
C GLN A 4 -1.84 8.87 -1.23
N SER A 5 -0.74 8.82 -0.52
CA SER A 5 -0.55 7.91 0.58
C SER A 5 0.61 8.34 1.44
N PHE A 6 0.80 7.69 2.56
CA PHE A 6 1.91 7.93 3.45
C PHE A 6 2.76 6.68 3.50
N LEU A 7 3.88 6.77 4.19
CA LEU A 7 4.71 5.61 4.40
C LEU A 7 4.52 5.20 5.87
N PRO A 8 3.64 4.22 6.12
CA PRO A 8 3.34 3.77 7.46
C PRO A 8 4.35 2.74 8.00
N PRO A 9 4.44 2.61 9.34
CA PRO A 9 5.41 1.70 9.99
C PRO A 9 5.22 0.24 9.60
N GLY A 10 6.25 -0.31 8.98
CA GLY A 10 6.26 -1.68 8.59
C GLY A 10 6.26 -1.85 7.09
N TRP A 11 5.69 -0.87 6.40
CA TRP A 11 5.64 -0.89 4.96
C TRP A 11 6.92 -0.40 4.34
N GLU A 12 7.19 -0.91 3.17
CA GLU A 12 8.36 -0.56 2.42
C GLU A 12 7.89 -0.21 1.02
N MET A 13 8.17 1.00 0.59
CA MET A 13 7.77 1.45 -0.74
C MET A 13 8.90 1.21 -1.72
N ARG A 14 8.65 0.36 -2.69
CA ARG A 14 9.62 0.04 -3.71
C ARG A 14 8.91 0.04 -5.06
N ILE A 15 9.63 -0.18 -6.13
CA ILE A 15 9.04 -0.17 -7.46
C ILE A 15 9.04 -1.58 -8.03
N ALA A 16 7.89 -2.05 -8.43
CA ALA A 16 7.75 -3.37 -8.98
C ALA A 16 8.23 -3.37 -10.44
N PRO A 17 8.70 -4.54 -10.96
CA PRO A 17 9.18 -4.68 -12.35
C PRO A 17 8.14 -4.23 -13.41
N ASN A 18 6.87 -4.18 -13.01
CA ASN A 18 5.81 -3.74 -13.91
C ASN A 18 5.77 -2.21 -14.05
N GLY A 19 6.53 -1.53 -13.23
CA GLY A 19 6.60 -0.09 -13.32
C GLY A 19 5.60 0.59 -12.43
N ARG A 20 5.21 -0.06 -11.35
CA ARG A 20 4.32 0.53 -10.36
C ARG A 20 4.92 0.38 -8.99
N PRO A 21 4.72 1.34 -8.11
CA PRO A 21 5.22 1.24 -6.75
C PRO A 21 4.38 0.29 -5.92
N PHE A 22 5.03 -0.44 -5.08
CA PHE A 22 4.37 -1.38 -4.24
C PHE A 22 4.81 -1.15 -2.83
N PHE A 23 3.94 -1.40 -1.92
CA PHE A 23 4.21 -1.28 -0.53
C PHE A 23 4.09 -2.64 0.09
N ILE A 24 5.13 -3.06 0.72
CA ILE A 24 5.16 -4.36 1.36
C ILE A 24 5.37 -4.20 2.86
N ASP A 25 4.41 -4.68 3.63
CA ASP A 25 4.45 -4.57 5.06
C ASP A 25 5.10 -5.77 5.67
N HIS A 26 6.05 -5.51 6.50
CA HIS A 26 6.76 -6.55 7.20
C HIS A 26 5.99 -7.03 8.43
N ASN A 27 5.02 -6.26 8.88
CA ASN A 27 4.27 -6.61 10.07
C ASN A 27 3.18 -7.61 9.76
N THR A 28 2.37 -7.32 8.78
CA THR A 28 1.30 -8.20 8.40
C THR A 28 1.61 -8.98 7.13
N LYS A 29 2.81 -8.74 6.55
CA LYS A 29 3.30 -9.46 5.36
C LYS A 29 2.40 -9.22 4.14
N THR A 30 1.80 -8.05 4.07
CA THR A 30 0.92 -7.72 2.97
C THR A 30 1.69 -6.89 1.95
N THR A 31 1.26 -6.94 0.72
CA THR A 31 1.87 -6.20 -0.34
C THR A 31 0.79 -5.66 -1.26
N THR A 32 0.80 -4.38 -1.51
CA THR A 32 -0.17 -3.82 -2.41
C THR A 32 0.42 -2.62 -3.13
N TRP A 33 -0.17 -2.24 -4.22
CA TRP A 33 0.29 -1.11 -4.99
C TRP A 33 -0.47 0.11 -4.58
N GLU A 34 0.05 1.26 -4.90
CA GLU A 34 -0.62 2.44 -4.53
C GLU A 34 -1.62 2.88 -5.57
N ASP A 35 -2.81 2.39 -5.40
CA ASP A 35 -3.94 2.80 -6.13
C ASP A 35 -4.99 3.13 -5.10
N PRO A 36 -5.86 4.08 -5.37
CA PRO A 36 -6.93 4.48 -4.45
C PRO A 36 -8.01 3.40 -4.30
N ARG A 37 -8.40 2.81 -5.40
CA ARG A 37 -9.54 1.92 -5.43
C ARG A 37 -9.11 0.52 -5.02
N LEU A 38 -7.82 0.24 -5.25
CA LEU A 38 -7.21 -1.05 -4.93
C LEU A 38 -7.23 -1.30 -3.42
N LYS A 39 -7.39 -0.23 -2.66
CA LYS A 39 -7.49 -0.31 -1.22
C LYS A 39 -8.83 -0.92 -0.81
N PHE A 40 -9.79 -0.82 -1.69
CA PHE A 40 -11.09 -1.36 -1.42
C PHE A 40 -11.22 -2.75 -1.97
N PRO A 41 -11.93 -3.60 -1.25
CA PRO A 41 -12.19 -4.95 -1.67
C PRO A 41 -13.28 -5.01 -2.74
N VAL A 42 -13.35 -6.13 -3.41
CA VAL A 42 -14.27 -6.32 -4.51
C VAL A 42 -15.62 -6.88 -4.04
N HIS A 43 -15.61 -7.87 -3.18
CA HIS A 43 -16.88 -8.49 -2.78
C HIS A 43 -17.31 -8.06 -1.38
N MET A 44 -16.63 -8.55 -0.37
CA MET A 44 -16.99 -8.21 0.99
C MET A 44 -15.94 -7.32 1.60
N ARG A 45 -16.31 -6.52 2.58
CA ARG A 45 -15.40 -5.56 3.14
C ARG A 45 -14.40 -6.19 4.10
N SER A 46 -13.23 -5.64 4.13
CA SER A 46 -12.21 -5.98 5.02
C SER A 46 -11.57 -4.68 5.46
N LYS A 47 -11.38 -4.53 6.71
CA LYS A 47 -10.75 -3.35 7.26
C LYS A 47 -9.60 -3.79 8.14
N LYS A 1 8.01 19.94 -5.94
CA LYS A 1 6.97 19.08 -6.50
C LYS A 1 6.39 18.27 -5.37
N VAL A 2 5.24 18.65 -4.90
CA VAL A 2 4.63 17.95 -3.79
C VAL A 2 3.90 16.68 -4.22
N THR A 3 4.65 15.63 -4.38
CA THR A 3 4.10 14.37 -4.73
C THR A 3 3.50 13.74 -3.48
N GLN A 4 2.32 13.22 -3.57
CA GLN A 4 1.66 12.66 -2.43
C GLN A 4 2.06 11.20 -2.22
N SER A 5 3.08 11.01 -1.45
CA SER A 5 3.58 9.70 -1.15
C SER A 5 3.96 9.64 0.33
N PHE A 6 3.44 8.65 1.01
CA PHE A 6 3.66 8.51 2.43
C PHE A 6 4.17 7.14 2.75
N LEU A 7 4.91 7.04 3.80
CA LEU A 7 5.47 5.80 4.21
C LEU A 7 4.91 5.44 5.58
N PRO A 8 3.99 4.49 5.63
CA PRO A 8 3.40 4.02 6.87
C PRO A 8 4.28 2.95 7.53
N PRO A 9 4.33 2.94 8.87
CA PRO A 9 5.16 1.99 9.64
C PRO A 9 4.84 0.53 9.33
N GLY A 10 5.86 -0.20 8.95
CA GLY A 10 5.74 -1.58 8.63
C GLY A 10 5.77 -1.83 7.14
N TRP A 11 5.34 -0.85 6.38
CA TRP A 11 5.31 -0.95 4.94
C TRP A 11 6.55 -0.36 4.32
N GLU A 12 7.00 -1.00 3.29
CA GLU A 12 8.10 -0.53 2.48
C GLU A 12 7.56 -0.16 1.13
N MET A 13 7.71 1.08 0.76
CA MET A 13 7.23 1.55 -0.51
C MET A 13 8.36 1.47 -1.49
N ARG A 14 8.23 0.57 -2.43
CA ARG A 14 9.25 0.33 -3.43
C ARG A 14 8.58 0.27 -4.78
N ILE A 15 9.34 0.08 -5.82
CA ILE A 15 8.79 0.04 -7.16
C ILE A 15 8.92 -1.36 -7.73
N ALA A 16 7.82 -1.88 -8.22
CA ALA A 16 7.80 -3.18 -8.83
C ALA A 16 8.33 -3.06 -10.25
N PRO A 17 8.88 -4.16 -10.84
CA PRO A 17 9.46 -4.13 -12.20
C PRO A 17 8.42 -3.79 -13.28
N ASN A 18 7.16 -3.81 -12.89
CA ASN A 18 6.07 -3.48 -13.78
C ASN A 18 5.83 -1.96 -13.86
N GLY A 19 6.57 -1.20 -13.05
CA GLY A 19 6.47 0.25 -13.10
C GLY A 19 5.48 0.82 -12.10
N ARG A 20 4.93 -0.02 -11.27
CA ARG A 20 3.98 0.40 -10.26
C ARG A 20 4.60 0.27 -8.88
N PRO A 21 4.37 1.25 -8.00
CA PRO A 21 4.86 1.19 -6.62
C PRO A 21 4.05 0.19 -5.80
N PHE A 22 4.70 -0.48 -4.91
CA PHE A 22 4.09 -1.46 -4.12
C PHE A 22 4.49 -1.24 -2.69
N PHE A 23 3.67 -1.65 -1.80
CA PHE A 23 3.97 -1.58 -0.41
C PHE A 23 4.06 -2.98 0.12
N ILE A 24 5.10 -3.24 0.83
CA ILE A 24 5.25 -4.53 1.45
C ILE A 24 5.42 -4.37 2.96
N ASP A 25 4.43 -4.85 3.67
CA ASP A 25 4.39 -4.77 5.09
C ASP A 25 5.04 -5.95 5.74
N HIS A 26 6.04 -5.68 6.52
CA HIS A 26 6.77 -6.71 7.23
C HIS A 26 6.07 -7.16 8.49
N ASN A 27 5.07 -6.40 8.92
CA ASN A 27 4.38 -6.71 10.15
C ASN A 27 3.42 -7.87 9.98
N THR A 28 2.61 -7.81 8.96
CA THR A 28 1.61 -8.82 8.74
C THR A 28 1.88 -9.58 7.45
N LYS A 29 2.92 -9.15 6.73
CA LYS A 29 3.30 -9.75 5.45
C LYS A 29 2.22 -9.54 4.39
N THR A 30 2.00 -8.31 4.02
CA THR A 30 1.08 -8.03 2.95
C THR A 30 1.79 -7.19 1.88
N THR A 31 1.30 -7.22 0.67
CA THR A 31 1.92 -6.51 -0.42
C THR A 31 0.85 -6.05 -1.42
N THR A 32 0.74 -4.75 -1.66
CA THR A 32 -0.20 -4.27 -2.67
C THR A 32 0.31 -2.93 -3.27
N TRP A 33 -0.28 -2.51 -4.38
CA TRP A 33 0.13 -1.31 -5.11
C TRP A 33 -0.54 -0.06 -4.61
N GLU A 34 -0.04 1.07 -5.05
CA GLU A 34 -0.58 2.33 -4.63
C GLU A 34 -1.69 2.81 -5.55
N ASP A 35 -2.87 2.45 -5.22
CA ASP A 35 -4.07 2.94 -5.82
C ASP A 35 -4.75 3.71 -4.70
N PRO A 36 -5.60 4.69 -4.99
CA PRO A 36 -6.28 5.45 -3.95
C PRO A 36 -7.22 4.57 -3.12
N ARG A 37 -8.01 3.77 -3.80
CA ARG A 37 -9.05 3.00 -3.16
C ARG A 37 -8.49 1.67 -2.62
N LEU A 38 -7.47 1.15 -3.31
CA LEU A 38 -6.86 -0.14 -2.99
C LEU A 38 -5.89 0.00 -1.79
N LYS A 39 -5.60 1.23 -1.41
CA LYS A 39 -4.75 1.49 -0.25
C LYS A 39 -5.54 1.29 1.04
N PHE A 40 -6.83 1.31 0.89
CA PHE A 40 -7.75 1.08 1.96
C PHE A 40 -8.52 -0.16 1.59
N PRO A 41 -9.37 -0.73 2.48
CA PRO A 41 -10.22 -1.86 2.11
C PRO A 41 -10.96 -1.57 0.80
N VAL A 42 -10.74 -2.42 -0.17
CA VAL A 42 -11.24 -2.20 -1.52
C VAL A 42 -12.60 -2.87 -1.74
N HIS A 43 -12.85 -3.94 -1.02
CA HIS A 43 -14.11 -4.65 -1.14
C HIS A 43 -15.13 -4.02 -0.21
N MET A 44 -14.64 -3.26 0.73
CA MET A 44 -15.48 -2.55 1.64
C MET A 44 -16.07 -1.35 0.90
N ARG A 45 -17.35 -1.42 0.62
CA ARG A 45 -18.03 -0.37 -0.13
C ARG A 45 -18.22 0.88 0.73
N SER A 46 -18.13 0.70 2.02
CA SER A 46 -18.26 1.76 2.95
C SER A 46 -16.98 2.57 2.97
N LYS A 47 -16.96 3.59 2.18
CA LYS A 47 -15.84 4.50 2.09
C LYS A 47 -16.32 5.92 1.77
N LYS A 1 5.88 9.48 -12.84
CA LYS A 1 7.14 8.82 -12.53
C LYS A 1 7.06 8.29 -11.13
N VAL A 2 8.21 7.83 -10.57
CA VAL A 2 8.27 7.26 -9.22
C VAL A 2 7.52 8.14 -8.19
N THR A 3 6.41 7.63 -7.75
CA THR A 3 5.49 8.30 -6.89
C THR A 3 6.09 8.61 -5.51
N GLN A 4 5.86 9.82 -5.03
CA GLN A 4 6.18 10.19 -3.68
C GLN A 4 4.95 9.93 -2.86
N SER A 5 5.01 8.91 -2.07
CA SER A 5 3.87 8.50 -1.32
C SER A 5 4.22 8.44 0.14
N PHE A 6 3.23 8.56 0.99
CA PHE A 6 3.42 8.45 2.41
C PHE A 6 3.66 7.00 2.77
N LEU A 7 4.56 6.78 3.68
CA LEU A 7 4.99 5.47 4.03
C LEU A 7 4.55 5.14 5.45
N PRO A 8 3.51 4.32 5.59
CA PRO A 8 3.00 3.91 6.88
C PRO A 8 3.94 2.92 7.58
N PRO A 9 3.91 2.87 8.93
CA PRO A 9 4.81 2.03 9.73
C PRO A 9 4.62 0.53 9.47
N GLY A 10 5.67 -0.08 8.96
CA GLY A 10 5.67 -1.47 8.65
C GLY A 10 5.82 -1.72 7.17
N TRP A 11 5.36 -0.78 6.39
CA TRP A 11 5.42 -0.87 4.96
C TRP A 11 6.71 -0.34 4.41
N GLU A 12 7.08 -0.89 3.30
CA GLU A 12 8.22 -0.46 2.56
C GLU A 12 7.77 -0.19 1.14
N MET A 13 8.15 0.95 0.62
CA MET A 13 7.74 1.33 -0.71
C MET A 13 8.83 0.99 -1.71
N ARG A 14 8.56 0.04 -2.56
CA ARG A 14 9.51 -0.41 -3.55
C ARG A 14 8.93 -0.24 -4.94
N ILE A 15 9.69 -0.59 -5.97
CA ILE A 15 9.23 -0.43 -7.34
C ILE A 15 9.11 -1.80 -8.00
N ALA A 16 7.95 -2.08 -8.54
CA ALA A 16 7.68 -3.35 -9.19
C ALA A 16 8.15 -3.31 -10.65
N PRO A 17 8.41 -4.50 -11.27
CA PRO A 17 8.86 -4.59 -12.68
C PRO A 17 7.89 -3.91 -13.67
N ASN A 18 6.65 -3.69 -13.24
CA ASN A 18 5.65 -3.01 -14.06
C ASN A 18 5.90 -1.49 -14.13
N GLY A 19 6.81 -1.01 -13.29
CA GLY A 19 7.16 0.40 -13.29
C GLY A 19 6.34 1.19 -12.30
N ARG A 20 5.66 0.50 -11.42
CA ARG A 20 4.83 1.13 -10.41
C ARG A 20 5.35 0.76 -9.04
N PRO A 21 5.19 1.65 -8.06
CA PRO A 21 5.60 1.35 -6.71
C PRO A 21 4.62 0.42 -6.01
N PHE A 22 5.12 -0.39 -5.12
CA PHE A 22 4.30 -1.29 -4.36
C PHE A 22 4.70 -1.18 -2.91
N PHE A 23 3.80 -1.48 -2.03
CA PHE A 23 4.08 -1.41 -0.63
C PHE A 23 4.09 -2.80 -0.04
N ILE A 24 5.15 -3.11 0.62
CA ILE A 24 5.29 -4.38 1.27
C ILE A 24 5.36 -4.21 2.78
N ASP A 25 4.40 -4.77 3.45
CA ASP A 25 4.30 -4.67 4.88
C ASP A 25 4.99 -5.80 5.57
N HIS A 26 5.85 -5.43 6.46
CA HIS A 26 6.56 -6.38 7.29
C HIS A 26 5.74 -6.82 8.48
N ASN A 27 4.78 -6.02 8.87
CA ASN A 27 4.01 -6.28 10.09
C ASN A 27 3.13 -7.49 9.93
N THR A 28 2.32 -7.48 8.92
CA THR A 28 1.38 -8.52 8.68
C THR A 28 1.81 -9.37 7.50
N LYS A 29 2.92 -8.95 6.87
CA LYS A 29 3.48 -9.61 5.71
C LYS A 29 2.52 -9.65 4.52
N THR A 30 2.20 -8.47 4.04
CA THR A 30 1.34 -8.33 2.88
C THR A 30 2.04 -7.43 1.83
N THR A 31 1.62 -7.52 0.60
CA THR A 31 2.20 -6.72 -0.46
C THR A 31 1.11 -6.26 -1.43
N THR A 32 0.90 -4.97 -1.54
CA THR A 32 -0.10 -4.46 -2.46
C THR A 32 0.27 -3.01 -2.86
N TRP A 33 -0.43 -2.48 -3.83
CA TRP A 33 -0.25 -1.13 -4.33
C TRP A 33 -1.06 -0.15 -3.51
N GLU A 34 -0.83 1.14 -3.80
CA GLU A 34 -1.48 2.28 -3.15
C GLU A 34 -2.99 2.03 -2.94
N ASP A 35 -3.34 1.62 -1.76
CA ASP A 35 -4.71 1.31 -1.38
C ASP A 35 -5.17 2.36 -0.38
N PRO A 36 -6.49 2.61 -0.24
CA PRO A 36 -7.02 3.58 0.71
C PRO A 36 -6.78 3.16 2.16
N ARG A 37 -7.01 1.90 2.45
CA ARG A 37 -6.96 1.40 3.81
C ARG A 37 -5.54 1.01 4.16
N LEU A 38 -4.78 0.58 3.15
CA LEU A 38 -3.40 0.11 3.33
C LEU A 38 -2.46 1.32 3.47
N LYS A 39 -3.05 2.49 3.48
CA LYS A 39 -2.33 3.73 3.61
C LYS A 39 -2.05 3.99 5.09
N PHE A 40 -2.77 3.28 5.92
CA PHE A 40 -2.68 3.43 7.34
C PHE A 40 -2.51 2.07 7.98
N PRO A 41 -1.98 2.00 9.22
CA PRO A 41 -1.94 0.77 10.00
C PRO A 41 -3.28 0.02 9.92
N VAL A 42 -3.22 -1.23 9.48
CA VAL A 42 -4.39 -2.06 9.22
C VAL A 42 -5.26 -2.27 10.49
N HIS A 43 -4.69 -2.07 11.67
CA HIS A 43 -5.45 -2.19 12.91
C HIS A 43 -6.20 -0.93 13.30
N MET A 44 -6.18 0.07 12.43
CA MET A 44 -7.00 1.23 12.64
C MET A 44 -8.12 1.25 11.63
N ARG A 45 -9.31 1.03 12.11
CA ARG A 45 -10.48 1.06 11.27
C ARG A 45 -11.32 2.29 11.57
N SER A 46 -11.05 2.91 12.71
CA SER A 46 -11.80 4.03 13.17
C SER A 46 -10.98 4.77 14.20
N LYS A 47 -10.96 6.06 14.12
CA LYS A 47 -10.29 6.89 15.07
C LYS A 47 -11.30 7.40 16.08
N LYS A 1 -1.47 18.96 -9.51
CA LYS A 1 -1.03 17.57 -9.32
C LYS A 1 -1.67 17.01 -8.06
N VAL A 2 -2.06 15.76 -8.09
CA VAL A 2 -2.69 15.13 -6.93
C VAL A 2 -1.74 14.15 -6.29
N THR A 3 -0.47 14.31 -6.59
CA THR A 3 0.59 13.48 -6.08
C THR A 3 0.69 13.53 -4.56
N GLN A 4 0.20 12.50 -3.93
CA GLN A 4 0.32 12.32 -2.52
C GLN A 4 0.44 10.86 -2.16
N SER A 5 1.46 10.56 -1.44
CA SER A 5 1.74 9.22 -1.03
C SER A 5 2.20 9.20 0.41
N PHE A 6 1.86 8.15 1.10
CA PHE A 6 2.21 8.02 2.49
C PHE A 6 3.11 6.84 2.69
N LEU A 7 3.57 6.66 3.90
CA LEU A 7 4.39 5.53 4.24
C LEU A 7 4.01 5.09 5.65
N PRO A 8 3.20 4.06 5.75
CA PRO A 8 2.77 3.55 7.03
C PRO A 8 3.84 2.64 7.68
N PRO A 9 3.88 2.58 9.02
CA PRO A 9 4.90 1.84 9.76
C PRO A 9 4.86 0.34 9.46
N GLY A 10 5.94 -0.15 8.90
CA GLY A 10 6.04 -1.52 8.57
C GLY A 10 6.08 -1.74 7.10
N TRP A 11 5.47 -0.82 6.38
CA TRP A 11 5.47 -0.89 4.94
C TRP A 11 6.75 -0.35 4.37
N GLU A 12 7.15 -0.94 3.30
CA GLU A 12 8.35 -0.56 2.63
C GLU A 12 7.98 -0.23 1.20
N MET A 13 8.38 0.93 0.75
CA MET A 13 8.07 1.39 -0.57
C MET A 13 9.16 1.00 -1.54
N ARG A 14 8.79 0.26 -2.55
CA ARG A 14 9.71 -0.19 -3.59
C ARG A 14 9.01 -0.06 -4.94
N ILE A 15 9.71 -0.39 -6.00
CA ILE A 15 9.16 -0.34 -7.34
C ILE A 15 9.04 -1.77 -7.87
N ALA A 16 7.90 -2.11 -8.41
CA ALA A 16 7.67 -3.42 -8.95
C ALA A 16 8.14 -3.48 -10.40
N PRO A 17 8.46 -4.70 -10.90
CA PRO A 17 8.91 -4.90 -12.30
C PRO A 17 7.88 -4.44 -13.34
N ASN A 18 6.65 -4.26 -12.89
CA ASN A 18 5.57 -3.78 -13.76
C ASN A 18 5.65 -2.26 -13.97
N GLY A 19 6.55 -1.61 -13.25
CA GLY A 19 6.74 -0.18 -13.40
C GLY A 19 5.85 0.63 -12.48
N ARG A 20 5.32 -0.01 -11.47
CA ARG A 20 4.47 0.67 -10.50
C ARG A 20 5.07 0.50 -9.13
N PRO A 21 4.93 1.48 -8.24
CA PRO A 21 5.44 1.38 -6.89
C PRO A 21 4.56 0.50 -6.01
N PHE A 22 5.17 -0.26 -5.15
CA PHE A 22 4.44 -1.13 -4.28
C PHE A 22 4.91 -0.95 -2.88
N PHE A 23 4.08 -1.28 -1.95
CA PHE A 23 4.41 -1.20 -0.57
C PHE A 23 4.28 -2.58 0.04
N ILE A 24 5.31 -3.00 0.68
CA ILE A 24 5.29 -4.29 1.34
C ILE A 24 5.32 -4.13 2.84
N ASP A 25 4.30 -4.62 3.47
CA ASP A 25 4.17 -4.57 4.90
C ASP A 25 4.93 -5.67 5.54
N HIS A 26 5.85 -5.32 6.36
CA HIS A 26 6.62 -6.29 7.08
C HIS A 26 5.89 -6.80 8.34
N ASN A 27 4.81 -6.11 8.72
CA ASN A 27 4.05 -6.48 9.93
C ASN A 27 3.26 -7.76 9.70
N THR A 28 2.44 -7.74 8.68
CA THR A 28 1.58 -8.86 8.39
C THR A 28 1.97 -9.50 7.08
N LYS A 29 3.03 -8.98 6.49
CA LYS A 29 3.59 -9.45 5.24
C LYS A 29 2.60 -9.45 4.09
N THR A 30 2.15 -8.27 3.75
CA THR A 30 1.26 -8.10 2.63
C THR A 30 1.93 -7.18 1.62
N THR A 31 1.42 -7.16 0.43
CA THR A 31 1.99 -6.35 -0.62
C THR A 31 0.88 -5.78 -1.48
N THR A 32 0.84 -4.48 -1.62
CA THR A 32 -0.12 -3.84 -2.48
C THR A 32 0.45 -2.47 -2.87
N TRP A 33 -0.15 -1.82 -3.83
CA TRP A 33 0.27 -0.51 -4.24
C TRP A 33 -0.57 0.47 -3.49
N GLU A 34 -0.02 1.61 -3.19
CA GLU A 34 -0.82 2.60 -2.55
C GLU A 34 -1.54 3.39 -3.61
N ASP A 35 -2.70 2.94 -3.91
CA ASP A 35 -3.57 3.56 -4.86
C ASP A 35 -4.53 4.38 -4.00
N PRO A 36 -5.15 5.44 -4.52
CA PRO A 36 -6.01 6.32 -3.71
C PRO A 36 -7.14 5.55 -3.08
N ARG A 37 -7.71 4.66 -3.85
CA ARG A 37 -8.84 3.88 -3.43
C ARG A 37 -8.38 2.62 -2.67
N LEU A 38 -7.18 2.12 -3.00
CA LEU A 38 -6.63 0.92 -2.35
C LEU A 38 -5.97 1.23 -1.02
N LYS A 39 -5.97 2.50 -0.65
CA LYS A 39 -5.44 2.90 0.63
C LYS A 39 -6.56 2.77 1.69
N PHE A 40 -7.74 2.44 1.21
CA PHE A 40 -8.89 2.14 2.04
C PHE A 40 -9.03 0.63 2.09
N PRO A 41 -9.82 0.06 3.02
CA PRO A 41 -10.07 -1.37 3.04
C PRO A 41 -10.65 -1.84 1.71
N VAL A 42 -9.97 -2.77 1.09
CA VAL A 42 -10.35 -3.26 -0.23
C VAL A 42 -11.56 -4.21 -0.17
N HIS A 43 -11.71 -4.89 0.94
CA HIS A 43 -12.84 -5.79 1.12
C HIS A 43 -13.85 -5.19 2.08
N MET A 44 -13.35 -4.33 2.97
CA MET A 44 -14.17 -3.66 4.00
C MET A 44 -14.68 -4.68 5.01
N ARG A 45 -15.48 -4.25 5.95
CA ARG A 45 -16.04 -5.16 6.92
C ARG A 45 -17.52 -4.93 7.04
N SER A 46 -18.29 -5.86 6.57
CA SER A 46 -19.71 -5.77 6.67
C SER A 46 -20.19 -6.69 7.77
N LYS A 47 -20.39 -6.12 8.92
CA LYS A 47 -20.85 -6.87 10.06
C LYS A 47 -22.31 -6.61 10.39
N LYS A 1 -1.69 11.26 -15.25
CA LYS A 1 -0.99 10.24 -14.48
C LYS A 1 -0.63 10.79 -13.10
N VAL A 2 -0.84 9.99 -12.07
CA VAL A 2 -0.53 10.39 -10.71
C VAL A 2 0.14 9.23 -10.00
N THR A 3 1.34 9.44 -9.57
CA THR A 3 2.05 8.47 -8.80
C THR A 3 2.46 9.08 -7.47
N GLN A 4 1.54 9.06 -6.54
CA GLN A 4 1.74 9.62 -5.24
C GLN A 4 2.34 8.57 -4.32
N SER A 5 3.31 8.96 -3.53
CA SER A 5 3.99 8.04 -2.68
C SER A 5 3.77 8.33 -1.20
N PHE A 6 3.24 7.34 -0.53
CA PHE A 6 3.03 7.41 0.90
C PHE A 6 4.06 6.54 1.58
N LEU A 7 4.14 6.59 2.87
CA LEU A 7 5.05 5.75 3.59
C LEU A 7 4.54 5.50 5.02
N PRO A 8 3.75 4.45 5.20
CA PRO A 8 3.23 4.09 6.51
C PRO A 8 4.16 3.12 7.27
N PRO A 9 4.06 3.06 8.61
CA PRO A 9 4.90 2.18 9.42
C PRO A 9 4.57 0.71 9.19
N GLY A 10 5.59 -0.04 8.85
CA GLY A 10 5.46 -1.43 8.59
C GLY A 10 5.58 -1.72 7.12
N TRP A 11 5.18 -0.76 6.33
CA TRP A 11 5.24 -0.90 4.90
C TRP A 11 6.52 -0.36 4.34
N GLU A 12 7.04 -1.04 3.38
CA GLU A 12 8.22 -0.63 2.70
C GLU A 12 7.85 -0.39 1.26
N MET A 13 8.21 0.75 0.73
CA MET A 13 7.85 1.08 -0.62
C MET A 13 8.91 0.59 -1.58
N ARG A 14 8.57 -0.39 -2.35
CA ARG A 14 9.47 -0.90 -3.35
C ARG A 14 8.89 -0.58 -4.70
N ILE A 15 9.61 -0.83 -5.73
CA ILE A 15 9.12 -0.55 -7.06
C ILE A 15 8.99 -1.85 -7.82
N ALA A 16 7.86 -2.04 -8.42
CA ALA A 16 7.57 -3.24 -9.17
C ALA A 16 8.15 -3.13 -10.58
N PRO A 17 8.37 -4.25 -11.29
CA PRO A 17 8.90 -4.27 -12.68
C PRO A 17 8.00 -3.48 -13.66
N ASN A 18 6.77 -3.22 -13.24
CA ASN A 18 5.82 -2.45 -14.04
C ASN A 18 6.04 -0.94 -13.90
N GLY A 19 6.92 -0.55 -12.98
CA GLY A 19 7.25 0.86 -12.78
C GLY A 19 6.44 1.52 -11.69
N ARG A 20 5.54 0.78 -11.11
CA ARG A 20 4.68 1.29 -10.06
C ARG A 20 5.23 0.87 -8.72
N PRO A 21 5.05 1.68 -7.69
CA PRO A 21 5.50 1.32 -6.38
C PRO A 21 4.54 0.36 -5.69
N PHE A 22 5.09 -0.54 -4.93
CA PHE A 22 4.29 -1.47 -4.19
C PHE A 22 4.75 -1.45 -2.77
N PHE A 23 3.85 -1.66 -1.89
CA PHE A 23 4.14 -1.59 -0.51
C PHE A 23 4.06 -2.94 0.13
N ILE A 24 5.10 -3.27 0.83
CA ILE A 24 5.18 -4.52 1.52
C ILE A 24 5.26 -4.29 3.03
N ASP A 25 4.24 -4.70 3.71
CA ASP A 25 4.16 -4.60 5.13
C ASP A 25 4.90 -5.73 5.77
N HIS A 26 5.91 -5.41 6.50
CA HIS A 26 6.73 -6.39 7.17
C HIS A 26 6.09 -6.86 8.48
N ASN A 27 5.04 -6.18 8.90
CA ASN A 27 4.39 -6.50 10.16
C ASN A 27 3.51 -7.72 10.01
N THR A 28 2.67 -7.72 9.02
CA THR A 28 1.74 -8.80 8.80
C THR A 28 2.13 -9.58 7.55
N LYS A 29 3.06 -9.01 6.78
CA LYS A 29 3.53 -9.56 5.52
C LYS A 29 2.47 -9.52 4.43
N THR A 30 2.07 -8.33 4.08
CA THR A 30 1.14 -8.14 2.98
C THR A 30 1.81 -7.28 1.91
N THR A 31 1.34 -7.37 0.70
CA THR A 31 1.95 -6.68 -0.40
C THR A 31 0.90 -6.22 -1.40
N THR A 32 0.74 -4.91 -1.55
CA THR A 32 -0.21 -4.35 -2.52
C THR A 32 0.23 -2.89 -2.85
N TRP A 33 -0.43 -2.28 -3.82
CA TRP A 33 -0.14 -0.89 -4.21
C TRP A 33 -1.05 0.03 -3.45
N GLU A 34 -0.79 1.32 -3.51
CA GLU A 34 -1.71 2.29 -2.96
C GLU A 34 -2.88 2.43 -3.93
N ASP A 35 -3.90 1.63 -3.71
CA ASP A 35 -5.06 1.61 -4.55
C ASP A 35 -6.12 2.51 -3.94
N PRO A 36 -6.95 3.15 -4.75
CA PRO A 36 -7.99 4.06 -4.28
C PRO A 36 -9.10 3.32 -3.52
N ARG A 37 -9.47 2.16 -4.01
CA ARG A 37 -10.62 1.46 -3.46
C ARG A 37 -10.17 0.64 -2.26
N LEU A 38 -8.90 0.26 -2.27
CA LEU A 38 -8.29 -0.49 -1.18
C LEU A 38 -8.25 0.36 0.11
N LYS A 39 -8.34 1.68 -0.06
CA LYS A 39 -8.30 2.61 1.05
C LYS A 39 -9.62 2.68 1.78
N PHE A 40 -10.64 2.13 1.17
CA PHE A 40 -11.91 2.04 1.82
C PHE A 40 -12.00 0.69 2.45
N PRO A 41 -12.66 0.57 3.59
CA PRO A 41 -12.77 -0.70 4.27
C PRO A 41 -13.61 -1.68 3.46
N VAL A 42 -13.03 -2.81 3.16
CA VAL A 42 -13.73 -3.83 2.42
C VAL A 42 -14.22 -4.89 3.38
N HIS A 43 -13.31 -5.45 4.13
CA HIS A 43 -13.67 -6.48 5.10
C HIS A 43 -13.38 -6.05 6.52
N MET A 44 -12.39 -5.20 6.68
CA MET A 44 -11.97 -4.84 8.01
C MET A 44 -11.65 -3.37 8.13
N ARG A 45 -11.92 -2.85 9.30
CA ARG A 45 -11.53 -1.53 9.69
C ARG A 45 -10.57 -1.73 10.83
N SER A 46 -9.29 -1.69 10.54
CA SER A 46 -8.33 -2.11 11.47
C SER A 46 -7.34 -1.04 11.79
N LYS A 47 -7.23 -0.79 13.04
CA LYS A 47 -6.22 0.03 13.62
C LYS A 47 -5.68 -0.74 14.80
N LYS A 1 -4.20 10.36 -14.23
CA LYS A 1 -5.07 10.41 -13.05
C LYS A 1 -4.27 10.83 -11.84
N VAL A 2 -4.96 11.03 -10.73
CA VAL A 2 -4.29 11.34 -9.51
C VAL A 2 -4.18 10.07 -8.67
N THR A 3 -3.24 10.07 -7.79
CA THR A 3 -3.02 8.97 -6.89
C THR A 3 -2.12 9.48 -5.78
N GLN A 4 -1.73 8.62 -4.89
CA GLN A 4 -0.91 9.03 -3.78
C GLN A 4 0.04 7.92 -3.39
N SER A 5 1.01 8.28 -2.61
CA SER A 5 1.96 7.33 -2.10
C SER A 5 2.45 7.82 -0.74
N PHE A 6 1.87 7.26 0.27
CA PHE A 6 2.18 7.57 1.63
C PHE A 6 2.95 6.41 2.21
N LEU A 7 3.79 6.67 3.16
CA LEU A 7 4.59 5.63 3.74
C LEU A 7 4.09 5.37 5.16
N PRO A 8 3.32 4.29 5.35
CA PRO A 8 2.84 3.90 6.64
C PRO A 8 3.81 2.94 7.36
N PRO A 9 3.83 2.94 8.70
CA PRO A 9 4.74 2.10 9.48
C PRO A 9 4.53 0.60 9.22
N GLY A 10 5.56 -0.04 8.72
CA GLY A 10 5.50 -1.44 8.43
C GLY A 10 5.67 -1.73 6.98
N TRP A 11 5.33 -0.77 6.16
CA TRP A 11 5.44 -0.89 4.73
C TRP A 11 6.72 -0.29 4.19
N GLU A 12 7.29 -0.96 3.24
CA GLU A 12 8.44 -0.48 2.52
C GLU A 12 8.04 -0.22 1.10
N MET A 13 8.41 0.92 0.60
CA MET A 13 8.05 1.31 -0.73
C MET A 13 9.10 0.84 -1.71
N ARG A 14 8.72 -0.07 -2.55
CA ARG A 14 9.59 -0.62 -3.55
C ARG A 14 9.04 -0.33 -4.93
N ILE A 15 9.77 -0.67 -5.94
CA ILE A 15 9.36 -0.47 -7.32
C ILE A 15 9.19 -1.83 -7.97
N ALA A 16 8.06 -2.07 -8.56
CA ALA A 16 7.79 -3.34 -9.20
C ALA A 16 8.30 -3.32 -10.65
N PRO A 17 8.61 -4.51 -11.23
CA PRO A 17 9.08 -4.62 -12.64
C PRO A 17 8.03 -4.11 -13.64
N ASN A 18 6.82 -3.88 -13.17
CA ASN A 18 5.76 -3.33 -13.99
C ASN A 18 5.91 -1.81 -14.16
N GLY A 19 6.87 -1.25 -13.42
CA GLY A 19 7.17 0.16 -13.52
C GLY A 19 6.33 1.01 -12.60
N ARG A 20 5.81 0.41 -11.56
CA ARG A 20 5.00 1.12 -10.60
C ARG A 20 5.47 0.80 -9.19
N PRO A 21 5.41 1.77 -8.27
CA PRO A 21 5.80 1.54 -6.91
C PRO A 21 4.74 0.79 -6.12
N PHE A 22 5.18 -0.01 -5.19
CA PHE A 22 4.29 -0.79 -4.37
C PHE A 22 4.82 -0.82 -2.96
N PHE A 23 4.01 -1.25 -2.05
CA PHE A 23 4.39 -1.28 -0.67
C PHE A 23 4.36 -2.68 -0.12
N ILE A 24 5.38 -3.04 0.58
CA ILE A 24 5.46 -4.35 1.17
C ILE A 24 5.51 -4.24 2.69
N ASP A 25 4.52 -4.80 3.33
CA ASP A 25 4.38 -4.74 4.75
C ASP A 25 4.96 -5.93 5.42
N HIS A 26 5.95 -5.70 6.21
CA HIS A 26 6.57 -6.74 7.00
C HIS A 26 5.83 -7.03 8.30
N ASN A 27 4.83 -6.21 8.62
CA ASN A 27 4.07 -6.41 9.86
C ASN A 27 3.14 -7.57 9.73
N THR A 28 2.22 -7.45 8.80
CA THR A 28 1.19 -8.43 8.62
C THR A 28 1.54 -9.32 7.45
N LYS A 29 2.62 -8.93 6.76
CA LYS A 29 3.12 -9.63 5.61
C LYS A 29 2.17 -9.56 4.43
N THR A 30 1.97 -8.36 3.95
CA THR A 30 1.14 -8.14 2.79
C THR A 30 1.93 -7.34 1.74
N THR A 31 1.52 -7.42 0.51
CA THR A 31 2.14 -6.70 -0.57
C THR A 31 1.07 -6.13 -1.50
N THR A 32 0.86 -4.84 -1.47
CA THR A 32 -0.11 -4.18 -2.34
C THR A 32 0.25 -2.68 -2.36
N TRP A 33 -0.44 -1.90 -3.16
CA TRP A 33 -0.20 -0.48 -3.19
C TRP A 33 -0.90 0.16 -1.99
N GLU A 34 -0.41 1.28 -1.55
CA GLU A 34 -1.03 1.99 -0.45
C GLU A 34 -2.06 2.90 -1.10
N ASP A 35 -3.29 2.44 -1.12
CA ASP A 35 -4.33 3.12 -1.86
C ASP A 35 -5.19 3.98 -0.94
N PRO A 36 -5.76 5.08 -1.46
CA PRO A 36 -6.66 5.96 -0.71
C PRO A 36 -8.02 5.29 -0.40
N ARG A 37 -8.56 4.58 -1.36
CA ARG A 37 -9.88 4.01 -1.21
C ARG A 37 -9.77 2.67 -0.52
N LEU A 38 -8.60 2.02 -0.68
CA LEU A 38 -8.33 0.75 -0.01
C LEU A 38 -7.88 1.02 1.44
N LYS A 39 -7.85 2.29 1.79
CA LYS A 39 -7.46 2.70 3.12
C LYS A 39 -8.64 2.51 4.04
N PHE A 40 -9.80 2.43 3.44
CA PHE A 40 -11.02 2.18 4.14
C PHE A 40 -11.20 0.67 4.26
N PRO A 41 -12.09 0.20 5.16
CA PRO A 41 -12.40 -1.23 5.30
C PRO A 41 -12.74 -1.86 3.93
N VAL A 42 -12.00 -2.89 3.59
CA VAL A 42 -12.20 -3.56 2.31
C VAL A 42 -13.46 -4.44 2.36
N HIS A 43 -13.75 -4.97 3.53
CA HIS A 43 -14.90 -5.83 3.69
C HIS A 43 -16.17 -5.00 3.78
N MET A 44 -16.10 -3.94 4.55
CA MET A 44 -17.21 -3.02 4.66
C MET A 44 -16.86 -1.74 3.93
N ARG A 45 -17.09 -1.73 2.65
CA ARG A 45 -16.69 -0.63 1.81
C ARG A 45 -17.85 0.36 1.67
N SER A 46 -19.03 -0.16 1.48
CA SER A 46 -20.21 0.67 1.35
C SER A 46 -21.05 0.59 2.62
N LYS A 47 -20.38 0.23 3.72
CA LYS A 47 -21.00 0.02 5.03
C LYS A 47 -21.78 -1.28 5.04
N LYS A 1 -8.48 13.14 -4.03
CA LYS A 1 -7.45 12.43 -4.76
C LYS A 1 -6.25 12.31 -3.86
N VAL A 2 -5.64 11.15 -3.81
CA VAL A 2 -4.51 10.97 -2.94
C VAL A 2 -3.24 11.44 -3.64
N THR A 3 -2.94 12.69 -3.47
CA THR A 3 -1.78 13.28 -4.08
C THR A 3 -0.59 13.29 -3.13
N GLN A 4 -0.88 13.09 -1.85
CA GLN A 4 0.15 13.03 -0.83
C GLN A 4 0.80 11.66 -0.81
N SER A 5 2.07 11.63 -0.50
CA SER A 5 2.83 10.42 -0.51
C SER A 5 2.77 9.76 0.85
N PHE A 6 2.25 8.56 0.89
CA PHE A 6 2.18 7.82 2.12
C PHE A 6 3.33 6.85 2.23
N LEU A 7 3.78 6.69 3.43
CA LEU A 7 4.74 5.70 3.79
C LEU A 7 4.33 5.25 5.18
N PRO A 8 3.51 4.20 5.26
CA PRO A 8 2.99 3.73 6.52
C PRO A 8 3.93 2.76 7.24
N PRO A 9 3.95 2.82 8.59
CA PRO A 9 4.83 1.98 9.42
C PRO A 9 4.61 0.49 9.17
N GLY A 10 5.66 -0.17 8.79
CA GLY A 10 5.64 -1.55 8.49
C GLY A 10 5.76 -1.81 7.02
N TRP A 11 5.29 -0.85 6.24
CA TRP A 11 5.35 -0.92 4.81
C TRP A 11 6.60 -0.28 4.27
N GLU A 12 7.16 -0.91 3.29
CA GLU A 12 8.29 -0.41 2.57
C GLU A 12 7.91 -0.16 1.15
N MET A 13 8.23 1.00 0.65
CA MET A 13 7.89 1.35 -0.70
C MET A 13 8.98 0.89 -1.64
N ARG A 14 8.65 -0.01 -2.49
CA ARG A 14 9.57 -0.51 -3.47
C ARG A 14 8.99 -0.33 -4.84
N ILE A 15 9.72 -0.69 -5.86
CA ILE A 15 9.25 -0.55 -7.22
C ILE A 15 9.08 -1.92 -7.82
N ALA A 16 7.90 -2.18 -8.31
CA ALA A 16 7.62 -3.44 -8.93
C ALA A 16 8.01 -3.38 -10.39
N PRO A 17 8.44 -4.51 -10.98
CA PRO A 17 8.86 -4.59 -12.39
C PRO A 17 7.83 -4.04 -13.40
N ASN A 18 6.57 -3.91 -12.99
CA ASN A 18 5.55 -3.39 -13.86
C ASN A 18 5.71 -1.89 -14.05
N GLY A 19 6.51 -1.28 -13.19
CA GLY A 19 6.78 0.13 -13.28
C GLY A 19 5.99 0.93 -12.29
N ARG A 20 5.46 0.27 -11.29
CA ARG A 20 4.67 0.95 -10.27
C ARG A 20 5.27 0.68 -8.92
N PRO A 21 5.21 1.65 -8.01
CA PRO A 21 5.67 1.45 -6.67
C PRO A 21 4.66 0.66 -5.85
N PHE A 22 5.16 -0.20 -5.02
CA PHE A 22 4.33 -1.03 -4.20
C PHE A 22 4.82 -0.93 -2.77
N PHE A 23 4.03 -1.38 -1.86
CA PHE A 23 4.38 -1.36 -0.49
C PHE A 23 4.34 -2.75 0.08
N ILE A 24 5.37 -3.12 0.77
CA ILE A 24 5.44 -4.42 1.40
C ILE A 24 5.46 -4.25 2.92
N ASP A 25 4.41 -4.71 3.54
CA ASP A 25 4.29 -4.64 4.97
C ASP A 25 4.92 -5.81 5.61
N HIS A 26 5.90 -5.53 6.39
CA HIS A 26 6.62 -6.56 7.09
C HIS A 26 5.89 -7.02 8.35
N ASN A 27 4.90 -6.27 8.77
CA ASN A 27 4.20 -6.60 10.01
C ASN A 27 3.20 -7.72 9.81
N THR A 28 2.38 -7.61 8.78
CA THR A 28 1.38 -8.61 8.51
C THR A 28 1.78 -9.46 7.32
N LYS A 29 2.80 -8.99 6.60
CA LYS A 29 3.28 -9.63 5.39
C LYS A 29 2.28 -9.53 4.25
N THR A 30 2.04 -8.32 3.84
CA THR A 30 1.22 -8.05 2.69
C THR A 30 2.00 -7.19 1.70
N THR A 31 1.69 -7.32 0.45
CA THR A 31 2.36 -6.57 -0.58
C THR A 31 1.34 -6.04 -1.58
N THR A 32 1.11 -4.75 -1.61
CA THR A 32 0.21 -4.14 -2.59
C THR A 32 0.57 -2.64 -2.75
N TRP A 33 -0.01 -1.99 -3.74
CA TRP A 33 0.20 -0.59 -4.01
C TRP A 33 -0.62 0.27 -3.04
N GLU A 34 -0.36 1.55 -3.00
CA GLU A 34 -1.14 2.46 -2.19
C GLU A 34 -2.30 2.93 -3.06
N ASP A 35 -3.40 2.23 -2.93
CA ASP A 35 -4.59 2.51 -3.69
C ASP A 35 -5.53 3.32 -2.82
N PRO A 36 -6.30 4.22 -3.41
CA PRO A 36 -7.21 5.06 -2.67
C PRO A 36 -8.32 4.26 -2.00
N ARG A 37 -8.89 3.33 -2.73
CA ARG A 37 -10.09 2.64 -2.31
C ARG A 37 -9.73 1.46 -1.42
N LEU A 38 -8.53 0.91 -1.61
CA LEU A 38 -8.03 -0.24 -0.86
C LEU A 38 -8.01 0.07 0.66
N LYS A 39 -7.77 1.32 0.98
CA LYS A 39 -7.64 1.75 2.36
C LYS A 39 -9.01 1.89 3.03
N PHE A 40 -10.04 1.70 2.28
CA PHE A 40 -11.38 1.71 2.80
C PHE A 40 -11.94 0.33 2.70
N PRO A 41 -12.80 -0.07 3.60
CA PRO A 41 -13.44 -1.34 3.49
C PRO A 41 -14.55 -1.27 2.43
N VAL A 42 -14.42 -2.10 1.42
CA VAL A 42 -15.33 -2.08 0.29
C VAL A 42 -16.43 -3.13 0.47
N HIS A 43 -16.11 -4.19 1.21
CA HIS A 43 -17.09 -5.24 1.46
C HIS A 43 -17.97 -4.81 2.63
N MET A 44 -17.59 -3.70 3.24
CA MET A 44 -18.37 -3.08 4.30
C MET A 44 -19.34 -2.10 3.67
N ARG A 45 -18.82 -1.27 2.81
CA ARG A 45 -19.61 -0.32 2.07
C ARG A 45 -18.95 -0.13 0.72
N SER A 46 -19.69 -0.05 -0.31
CA SER A 46 -19.09 0.16 -1.58
C SER A 46 -19.32 1.60 -2.02
N LYS A 47 -18.48 2.49 -1.52
CA LYS A 47 -18.52 3.91 -1.80
C LYS A 47 -17.11 4.46 -1.78
#